data_8YWX
#
_entry.id   8YWX
#
_cell.length_a   1.00
_cell.length_b   1.00
_cell.length_c   1.00
_cell.angle_alpha   90.00
_cell.angle_beta   90.00
_cell.angle_gamma   90.00
#
_symmetry.space_group_name_H-M   'P 1'
#
loop_
_entity.id
_entity.type
_entity.pdbx_description
1 polymer "H4B6 Fab's heavy chain"
2 polymer "H4B6 Fab's light chain"
3 polymer "Spike protein S2'"
#
loop_
_entity_poly.entity_id
_entity_poly.type
_entity_poly.pdbx_seq_one_letter_code
_entity_poly.pdbx_strand_id
1 'polypeptide(L)'
;EVQLVESGGDLVQPGGSLRLSCAASGFIVSRNYMSWVRQAPGKGLEWVSSIYSGGSTFYAGSVKGRFTISRDNSKNTLYL
QMNSLRAEDTAIYYCARDIPRHGGDSWGQGTLVTVSSASTKGPSVFPLAPSSKSTSGGTAALGCLVKDYFPEPVTVSWNS
GALTSGVHTFPAVLQSSGLYSLSSVVTVPSSSLGTQTYICNVNHKPSNTKVDKKVEPKSCDKTHTCPPCPAPELLGGPSV
FLFPPKPKDTLMISRTPEVTCVVVDVSHEDPEVKFNWYVDGVEVHNAKTKPREEQYNSTYRVVSVLTVLHQDWLNGKEYK
CKVSNKALPAPIEKTISKAKGQPREPQVYTLPPSRDELTKNQVSLTCLVKGFYPSDIAVEWESNGQPENNYKTTPPVLDS
DGSFFLYSKLTVDKSRWQQGNVFSCSVMHEALHNHYTQKSLSLSPGKGGGGSGGGGSGGGGEVQLVESGGGLVQPGWSLR
LSCVVSGLKFDDFAMHWVRQVPGKGLEWVSGLNWNGDNVAFADSVKGRFTISRDNAENSLYLQMNNLRPEDTAFYYCAKD
SYYDILTGYSGAFDMWGQGTMVTVSSGGGGSGGGGSGGGGAIRMTQSPATLSLSPGERATLSCRASQSVHNYLAWYQQKP
GQAPRLLFYDASNRATGIPARFSASASGTDSTLTISSLEPEDFAVYYCQQRRNGYSFGQGTKVEIKR
;
E
2 'polypeptide(L)'
;AIRMTQSPASLSASIGDRVTITCQASQDINKYLNWYQQKPGKAPRLLIYDASNLETGVPSRFSGSGSGTDFTFTISSLQP
EDIATYYCQQYDNLPITFGQGTRLEIKRTVAAPSVFIFPPSDEQLKSGTASVVCLLNNFYPREAKVQWKVDNALQSGNSQ
ESVTEQDSKDSTYSLSSTLTLSKADYEKHKVYACEVTHQGLSSPVTKSFNRGEC
;
D
3 'polypeptide(L)'
;AYTNSFTRGVYYPDKVFRSSVLHSTQDLFLPFFSNVTWFHAIHVSGTNGTKRFDNPVLPFNDGVYFASTEKSNIIRGWIF
GTTLDSKTQSLLIVNNATNVVIKVCEFQFCNDPFLGVYYHKNNKSWMESDFRVYSSANNCTFEYVSQPFLMDLEGKQGNF
KNLREFVFKNIDGYFKIYSKHTPINLVRDLPQGFSALEPLVDLPIGINITRFQTLLALHRSYLTPGDSSSGWTAGAAAYY
VGYLQPRTFLLKYNENGTITDAVDCALDPLSETKCTLKSFTVEKGIYQTSNFRVQPTESIVRFPNITNLCPFDEVFNATR
FASVYAWNRKRISNCVADYSVLYNFAPFFAFKCYGVSPTKLNDLCFTNVYADSFVIRGNEVSQIAPGQTGNIADYNYKLP
DDFTGCVIAWNSNKLDSKVGGNYNYRYRLFRKSNLKPFERDISTEIYQAGNKPCNGVAGVNCYFPLQSYGFRPTYGVGHQ
PYRVVVLSFELLHAPATVCGPKKSTNLVKNKCVNFNFNGLTGTGVLTESNKKFLPFQQFGRDIADTTDAVRDPQTLEILD
ITPCSFGGVSVITPGTNTSNQVAVLYQGVNCTEVPVAIHADQLTPTWRVYSTGSNVFQTRAGCLIGAEYVNSSYECDIPI
GAGICASYQTQTNSPRRARSVASQSIIAYTMSLGAENSVAYSNNSIAIPTNFTISVTTEILPVSMTKTSVDCTMYICGDS
TECSNLLLQYGSFCTQLKRALTGIAVEQDKNTQEVFAQVKQIYKTPPIKYFGGFNFSQILPDPSKPSKRSPIEDLLFNKV
TLADAGFIKQYGDCLGDIAARDLICAQKFNGLTVLPPLLTDEMIAQYTSALLAGTITSGWTFGAGPALQIPFPMQMAYRF
NGIGVTQNVLYENQKLIANQFNSAIGKIQDSLSSTPSALGKLQDVVNHNAQALNTLVKQLSSKFGAISSVLNDILSRLDP
PEAEVQIDRLITGRLQSLQTYVTQQLIRAAEIRASANLAATKMSECVLGQSKRVDFCGKGYHLMSFPQSAPHGVVFLHVT
YVPAQEKNFTTAPAICHDGKAHFPREGVFVSNGTHWFVTQRNFYEPQIITTDNTFVSGNCDVVIGIVNNTVYDPLQPELD
;
A
#
# COMPACT_ATOMS: atom_id res chain seq x y z
N GLU A 1 15.88 2.04 13.37
CA GLU A 1 14.47 2.36 13.22
C GLU A 1 14.24 3.23 12.00
N VAL A 2 13.18 2.93 11.24
CA VAL A 2 12.88 3.66 10.01
C VAL A 2 11.49 3.86 10.63
N GLN A 3 11.09 4.89 11.09
CA GLN A 3 9.77 5.05 11.70
C GLN A 3 9.46 6.33 10.92
N LEU A 4 8.20 6.47 10.52
CA LEU A 4 7.73 7.61 9.75
C LEU A 4 6.50 8.21 10.42
N VAL A 5 6.40 9.55 10.38
CA VAL A 5 5.34 10.27 11.06
C VAL A 5 5.26 10.90 9.67
N GLU A 6 4.20 10.50 8.97
CA GLU A 6 3.89 11.09 7.64
C GLU A 6 2.54 11.50 8.15
N SER A 7 2.46 12.76 8.55
CA SER A 7 1.20 13.11 9.21
C SER A 7 1.01 14.52 8.66
N GLY A 8 0.05 14.68 7.76
CA GLY A 8 -0.33 16.02 7.27
C GLY A 8 -1.68 15.82 6.65
N GLY A 9 -2.51 16.84 6.53
CA GLY A 9 -3.78 16.64 5.80
C GLY A 9 -4.76 16.48 6.92
N ASP A 10 -5.99 16.92 6.72
CA ASP A 10 -7.17 16.47 7.50
C ASP A 10 -7.86 17.27 6.39
N LEU A 11 -9.19 17.41 6.50
CA LEU A 11 -9.95 18.03 5.39
C LEU A 11 -10.65 19.30 4.92
N VAL A 12 -10.75 19.49 3.61
CA VAL A 12 -10.84 20.70 2.78
C VAL A 12 -12.13 20.55 2.00
N GLN A 13 -12.48 21.56 1.21
CA GLN A 13 -13.71 21.59 0.44
C GLN A 13 -13.26 20.85 -0.81
N PRO A 14 -14.20 20.45 -1.68
CA PRO A 14 -13.84 19.95 -3.01
C PRO A 14 -13.26 21.04 -3.92
N GLY A 15 -12.05 20.80 -4.41
CA GLY A 15 -11.35 21.78 -5.23
C GLY A 15 -10.24 22.49 -4.49
N GLY A 16 -9.91 22.00 -3.30
CA GLY A 16 -8.87 22.56 -2.47
C GLY A 16 -7.50 22.02 -2.82
N SER A 17 -6.54 22.36 -1.96
CA SER A 17 -5.15 21.93 -2.18
C SER A 17 -4.52 21.64 -0.83
N LEU A 18 -4.26 20.37 -0.56
CA LEU A 18 -3.61 19.92 0.66
C LEU A 18 -2.16 19.57 0.39
N ARG A 19 -1.37 19.55 1.46
CA ARG A 19 0.07 19.31 1.37
C ARG A 19 0.48 18.27 2.39
N LEU A 20 0.91 17.11 1.92
CA LEU A 20 1.38 16.06 2.80
C LEU A 20 2.88 16.21 3.06
N SER A 21 3.35 15.50 4.08
CA SER A 21 4.74 15.60 4.50
C SER A 21 4.98 14.18 4.98
N CYS A 22 6.18 13.66 4.73
CA CYS A 22 6.54 12.33 5.19
C CYS A 22 7.78 12.63 6.02
N ALA A 23 8.35 11.61 6.64
CA ALA A 23 9.57 11.78 7.43
C ALA A 23 10.34 10.49 7.62
N ALA A 24 11.60 10.68 8.03
CA ALA A 24 12.73 9.76 7.85
C ALA A 24 13.86 9.50 8.84
N SER A 25 13.88 8.27 9.34
CA SER A 25 14.90 7.91 10.35
C SER A 25 16.35 7.41 10.22
N GLY A 26 16.59 6.41 9.36
CA GLY A 26 17.95 5.88 9.16
C GLY A 26 18.45 6.48 7.86
N PHE A 27 17.58 6.68 6.87
CA PHE A 27 18.05 7.17 5.53
C PHE A 27 17.78 8.61 5.08
N ILE A 28 18.28 9.00 3.90
CA ILE A 28 17.99 10.28 3.29
C ILE A 28 16.98 10.06 2.17
N VAL A 29 15.99 10.94 2.09
CA VAL A 29 14.88 10.76 1.16
C VAL A 29 15.37 10.75 -0.27
N SER A 30 16.23 11.70 -0.64
CA SER A 30 16.70 11.77 -2.02
C SER A 30 17.61 10.71 -2.61
N ARG A 31 18.19 9.86 -1.75
CA ARG A 31 18.89 8.66 -2.15
C ARG A 31 18.27 7.28 -2.36
N ASN A 32 17.03 7.07 -1.94
CA ASN A 32 16.36 5.77 -2.00
C ASN A 32 15.01 5.93 -2.68
N TYR A 33 14.56 4.86 -3.33
CA TYR A 33 13.27 4.87 -4.00
C TYR A 33 12.16 5.04 -2.98
N MET A 34 11.22 5.94 -3.26
CA MET A 34 10.07 6.15 -2.39
C MET A 34 8.82 6.34 -3.24
N SER A 35 7.67 6.02 -2.63
CA SER A 35 6.40 6.09 -3.33
C SER A 35 5.29 6.34 -2.31
N TRP A 36 4.09 6.60 -2.82
CA TRP A 36 2.94 6.91 -1.99
C TRP A 36 1.76 6.04 -2.42
N VAL A 37 1.40 5.08 -1.57
CA VAL A 37 0.23 4.23 -1.82
C VAL A 37 -1.02 4.94 -1.32
N ARG A 38 -2.19 4.44 -1.69
CA ARG A 38 -3.46 5.04 -1.29
C ARG A 38 -4.49 3.96 -0.98
N GLN A 39 -4.95 3.91 0.27
CA GLN A 39 -5.88 2.88 0.72
C GLN A 39 -7.23 3.52 1.01
N ALA A 40 -8.19 3.30 0.12
CA ALA A 40 -9.56 3.74 0.36
C ALA A 40 -10.17 2.90 1.49
N PRO A 41 -11.10 3.45 2.28
CA PRO A 41 -11.68 2.66 3.37
C PRO A 41 -12.42 1.43 2.87
N GLY A 42 -11.94 0.25 3.25
CA GLY A 42 -12.53 -1.00 2.83
C GLY A 42 -12.22 -1.43 1.41
N LYS A 43 -11.15 -0.92 0.80
CA LYS A 43 -10.82 -1.25 -0.57
C LYS A 43 -9.32 -1.57 -0.65
N GLY A 44 -8.95 -2.27 -1.71
CA GLY A 44 -7.57 -2.63 -1.93
C GLY A 44 -6.70 -1.41 -2.14
N LEU A 45 -5.45 -1.46 -1.66
CA LEU A 45 -4.53 -0.34 -1.79
C LEU A 45 -4.24 -0.03 -3.25
N GLU A 46 -4.20 1.25 -3.61
CA GLU A 46 -3.92 1.67 -4.97
C GLU A 46 -2.73 2.61 -5.01
N TRP A 47 -1.89 2.42 -6.01
CA TRP A 47 -0.71 3.26 -6.22
C TRP A 47 -0.73 4.61 -6.92
N VAL A 48 -0.61 5.68 -6.13
CA VAL A 48 -0.62 7.03 -6.67
C VAL A 48 0.58 7.65 -7.37
N SER A 49 1.74 7.61 -6.72
CA SER A 49 2.92 8.29 -7.27
C SER A 49 4.16 7.57 -6.75
N SER A 50 5.29 7.85 -7.40
CA SER A 50 6.56 7.24 -7.03
C SER A 50 7.69 8.13 -7.49
N ILE A 51 8.71 8.26 -6.65
CA ILE A 51 9.91 9.02 -6.95
C ILE A 51 11.08 8.07 -7.08
N TYR A 52 12.09 8.48 -7.83
CA TYR A 52 13.31 7.68 -7.96
C TYR A 52 14.48 8.33 -7.25
N SER A 53 15.67 7.74 -7.37
CA SER A 53 16.86 8.25 -6.71
C SER A 53 17.53 9.38 -7.50
N GLY A 54 16.98 9.76 -8.65
CA GLY A 54 17.54 10.83 -9.43
C GLY A 54 16.50 11.82 -9.89
N GLY A 55 15.35 11.85 -9.21
CA GLY A 55 14.29 12.76 -9.56
C GLY A 55 13.19 12.42 -10.54
N SER A 56 13.17 11.18 -11.01
CA SER A 56 12.13 10.75 -11.94
C SER A 56 10.79 10.61 -11.21
N THR A 57 9.75 11.15 -11.81
CA THR A 57 8.41 11.15 -11.23
C THR A 57 7.47 10.33 -12.10
N PHE A 58 6.72 9.43 -11.48
CA PHE A 58 5.71 8.64 -12.17
C PHE A 58 4.41 8.74 -11.39
N TYR A 59 3.30 8.89 -12.11
CA TYR A 59 1.99 9.11 -11.52
C TYR A 59 1.04 8.01 -11.92
N ALA A 60 -0.15 8.04 -11.35
CA ALA A 60 -1.22 7.13 -11.72
C ALA A 60 -2.19 7.83 -12.67
N GLY A 61 -3.01 7.03 -13.36
CA GLY A 61 -3.92 7.59 -14.34
C GLY A 61 -4.92 8.55 -13.76
N SER A 62 -5.46 8.23 -12.59
CA SER A 62 -6.49 9.07 -11.98
C SER A 62 -5.92 10.35 -11.38
N VAL A 63 -4.61 10.48 -11.27
CA VAL A 63 -4.00 11.64 -10.62
C VAL A 63 -3.06 12.35 -11.58
N LYS A 64 -3.32 12.24 -12.89
CA LYS A 64 -2.49 12.91 -13.88
C LYS A 64 -2.79 14.41 -13.86
N GLY A 65 -1.87 15.19 -13.30
CA GLY A 65 -2.00 16.63 -13.30
C GLY A 65 -2.73 17.32 -12.17
N ARG A 66 -3.44 16.55 -11.35
CA ARG A 66 -3.96 17.04 -10.08
C ARG A 66 -2.95 16.82 -8.96
N PHE A 67 -2.25 15.70 -8.95
CA PHE A 67 -1.28 15.39 -7.93
C PHE A 67 0.13 15.74 -8.40
N THR A 68 1.02 15.97 -7.44
CA THR A 68 2.39 16.35 -7.75
C THR A 68 3.11 15.56 -6.67
N ILE A 69 4.41 15.35 -6.85
CA ILE A 69 5.24 14.69 -5.85
C ILE A 69 6.39 15.68 -5.86
N SER A 70 7.18 15.69 -4.78
CA SER A 70 8.36 16.55 -4.69
C SER A 70 9.28 16.09 -3.58
N ARG A 71 10.60 16.06 -3.79
CA ARG A 71 11.46 15.49 -2.73
C ARG A 71 12.27 16.57 -2.02
N ASP A 72 12.35 16.54 -0.69
CA ASP A 72 13.05 17.64 0.03
C ASP A 72 14.36 17.16 0.66
N ASN A 73 15.49 17.59 0.11
CA ASN A 73 16.80 17.12 0.64
C ASN A 73 17.03 17.68 2.04
N SER A 74 16.63 18.92 2.28
CA SER A 74 17.00 19.59 3.56
C SER A 74 16.51 18.85 4.80
N LYS A 75 15.25 18.43 4.82
CA LYS A 75 14.71 17.83 6.07
C LYS A 75 14.04 16.48 5.79
N ASN A 76 14.52 15.69 4.82
CA ASN A 76 13.77 14.46 4.47
C ASN A 76 12.41 14.96 4.04
N THR A 77 11.35 14.63 4.77
CA THR A 77 10.03 15.22 4.42
C THR A 77 9.63 15.05 2.95
N LEU A 78 9.59 13.83 2.43
CA LEU A 78 9.06 13.62 1.07
C LEU A 78 7.69 14.28 1.04
N TYR A 79 7.51 15.27 0.20
CA TYR A 79 6.33 16.10 0.05
C TYR A 79 5.49 15.62 -1.13
N LEU A 80 4.18 15.62 -0.94
CA LEU A 80 3.22 15.28 -1.99
C LEU A 80 2.13 16.35 -1.98
N GLN A 81 2.16 17.24 -2.97
CA GLN A 81 1.23 18.35 -3.04
C GLN A 81 -0.06 17.98 -3.75
N MET A 82 -1.11 17.69 -2.98
CA MET A 82 -2.41 17.35 -3.54
C MET A 82 -3.10 18.62 -4.02
N ASN A 83 -3.41 18.69 -5.30
CA ASN A 83 -4.14 19.80 -5.88
C ASN A 83 -5.30 19.27 -6.73
N SER A 84 -6.25 20.16 -7.02
CA SER A 84 -7.41 19.83 -7.83
C SER A 84 -8.14 18.60 -7.29
N LEU A 85 -8.39 18.61 -5.98
CA LEU A 85 -8.99 17.48 -5.29
C LEU A 85 -10.45 17.30 -5.70
N ARG A 86 -11.10 16.28 -5.15
CA ARG A 86 -12.50 16.02 -5.46
C ARG A 86 -13.15 15.25 -4.31
N ALA A 87 -14.36 14.73 -4.52
CA ALA A 87 -15.15 14.16 -3.43
C ALA A 87 -15.02 12.64 -3.39
N GLU A 88 -14.11 12.07 -4.18
CA GLU A 88 -13.85 10.64 -4.13
C GLU A 88 -12.40 10.31 -3.85
N ASP A 89 -11.61 11.28 -3.40
CA ASP A 89 -10.20 11.08 -3.06
C ASP A 89 -10.02 10.66 -1.60
N THR A 90 -11.10 10.57 -0.83
CA THR A 90 -11.04 10.19 0.57
C THR A 90 -10.40 8.81 0.76
N ALA A 91 -9.21 8.78 1.37
CA ALA A 91 -8.48 7.54 1.57
C ALA A 91 -7.36 7.79 2.57
N ILE A 92 -6.85 6.70 3.14
CA ILE A 92 -5.69 6.78 4.02
C ILE A 92 -4.43 6.72 3.17
N TYR A 93 -3.52 7.67 3.39
CA TYR A 93 -2.31 7.80 2.59
C TYR A 93 -1.11 7.38 3.43
N TYR A 94 -0.35 6.41 2.91
CA TYR A 94 0.82 5.89 3.60
C TYR A 94 2.09 6.28 2.86
N CYS A 95 3.03 6.88 3.57
CA CYS A 95 4.35 7.10 3.04
C CYS A 95 5.08 5.76 2.97
N ALA A 96 5.91 5.61 1.93
CA ALA A 96 6.52 4.29 1.75
C ALA A 96 7.88 4.38 1.09
N ARG A 97 8.86 3.74 1.69
CA ARG A 97 10.18 3.69 1.06
C ARG A 97 10.29 2.30 0.51
N ASP A 98 10.58 2.17 -0.77
CA ASP A 98 10.79 0.81 -1.28
C ASP A 98 12.22 0.68 -1.78
N ILE A 99 13.03 -0.16 -1.16
CA ILE A 99 14.34 -0.41 -1.79
C ILE A 99 13.92 -1.37 -2.90
N PRO A 100 14.27 -1.13 -4.17
CA PRO A 100 13.71 -1.94 -5.20
C PRO A 100 13.89 -3.44 -5.23
N ARG A 101 15.10 -3.98 -5.16
CA ARG A 101 15.19 -5.45 -5.34
C ARG A 101 15.78 -6.18 -4.14
N HIS A 102 16.67 -5.54 -3.41
CA HIS A 102 17.33 -6.25 -2.29
C HIS A 102 16.39 -6.42 -1.11
N GLY A 103 15.18 -5.86 -1.19
CA GLY A 103 14.19 -6.08 -0.12
C GLY A 103 13.78 -5.44 1.19
N GLY A 104 14.12 -4.53 1.77
CA GLY A 104 13.55 -3.85 2.94
C GLY A 104 12.42 -2.86 2.80
N ASP A 105 11.73 -2.44 3.85
CA ASP A 105 10.58 -1.52 3.57
C ASP A 105 10.27 -0.67 4.80
N SER A 106 9.46 0.35 4.59
CA SER A 106 9.13 1.25 5.71
C SER A 106 7.79 1.35 5.05
N TRP A 107 6.73 1.14 5.79
CA TRP A 107 5.46 1.79 5.44
C TRP A 107 5.15 2.46 6.77
N GLY A 108 5.01 3.78 6.75
CA GLY A 108 4.69 4.53 7.98
C GLY A 108 3.22 4.40 8.31
N GLN A 109 2.82 4.81 9.51
CA GLN A 109 1.43 4.57 9.95
C GLN A 109 0.46 5.20 8.96
N GLY A 110 0.80 6.34 8.38
CA GLY A 110 -0.10 6.86 7.33
C GLY A 110 -1.11 7.84 7.85
N THR A 111 -1.66 8.66 6.98
CA THR A 111 -2.55 9.74 7.47
C THR A 111 -3.89 9.66 6.77
N LEU A 112 -4.94 10.16 7.43
CA LEU A 112 -6.28 10.10 6.87
C LEU A 112 -6.64 11.39 6.15
N VAL A 113 -7.18 11.25 4.95
CA VAL A 113 -7.71 12.37 4.18
C VAL A 113 -9.18 12.07 3.88
N THR A 114 -10.06 12.97 4.29
CA THR A 114 -11.51 12.77 4.17
C THR A 114 -11.58 14.23 3.73
N VAL A 115 -12.04 14.45 2.50
CA VAL A 115 -12.07 15.79 1.93
C VAL A 115 -13.55 15.67 1.58
N SER A 116 -14.32 16.70 1.94
CA SER A 116 -15.76 16.69 1.74
C SER A 116 -16.27 18.12 1.80
N SER A 117 -17.59 18.26 1.86
CA SER A 117 -18.23 19.58 1.86
C SER A 117 -18.79 19.97 3.22
N ALA A 118 -19.14 19.00 4.06
CA ALA A 118 -19.76 19.30 5.34
C ALA A 118 -18.79 20.05 6.26
N SER A 119 -19.33 20.52 7.38
CA SER A 119 -18.57 21.28 8.36
C SER A 119 -18.23 20.42 9.57
N THR A 120 -17.19 20.83 10.29
CA THR A 120 -16.74 20.12 11.48
C THR A 120 -17.61 20.48 12.68
N LYS A 121 -18.13 19.46 13.37
CA LYS A 121 -18.93 19.66 14.56
C LYS A 121 -18.41 18.77 15.67
N GLY A 122 -18.36 19.31 16.89
CA GLY A 122 -17.75 18.63 18.01
C GLY A 122 -18.54 17.41 18.48
N PRO A 123 -17.85 16.50 19.17
CA PRO A 123 -18.51 15.30 19.67
C PRO A 123 -19.48 15.62 20.80
N SER A 124 -20.48 14.75 20.95
CA SER A 124 -21.41 14.81 22.07
C SER A 124 -21.10 13.67 23.02
N VAL A 125 -20.61 14.00 24.21
CA VAL A 125 -20.13 13.02 25.18
C VAL A 125 -21.24 12.77 26.19
N PHE A 126 -21.56 11.49 26.41
CA PHE A 126 -22.67 11.10 27.28
C PHE A 126 -22.19 10.08 28.29
N PRO A 127 -22.67 10.12 29.53
CA PRO A 127 -22.22 9.16 30.54
C PRO A 127 -22.92 7.82 30.48
N LEU A 128 -22.14 6.74 30.42
CA LEU A 128 -22.66 5.38 30.58
C LEU A 128 -22.12 5.46 32.01
N ALA A 129 -23.04 5.53 32.97
CA ALA A 129 -22.90 5.12 34.35
C ALA A 129 -23.48 3.71 34.51
N PRO A 130 -22.74 2.79 35.13
CA PRO A 130 -23.24 1.42 35.24
C PRO A 130 -24.50 1.34 36.09
N SER A 131 -25.40 0.46 35.67
CA SER A 131 -26.67 0.28 36.37
C SER A 131 -26.47 -0.57 37.62
N SER A 132 -27.41 -0.45 38.54
CA SER A 132 -27.36 -1.20 39.79
C SER A 132 -27.67 -2.68 39.60
N LYS A 133 -28.10 -3.09 38.41
CA LYS A 133 -28.44 -4.48 38.15
C LYS A 133 -27.23 -5.34 37.81
N SER A 134 -26.03 -4.78 37.91
CA SER A 134 -24.82 -5.55 37.62
C SER A 134 -24.65 -6.68 38.64
N THR A 135 -24.01 -7.77 38.19
CA THR A 135 -23.84 -8.93 39.04
C THR A 135 -23.03 -8.57 40.29
N SER A 136 -23.54 -8.97 41.45
CA SER A 136 -22.86 -8.67 42.70
C SER A 136 -21.59 -9.49 42.84
N GLY A 137 -21.66 -10.78 42.57
CA GLY A 137 -20.51 -11.65 42.66
C GLY A 137 -19.71 -11.82 41.39
N GLY A 138 -20.17 -11.27 40.28
CA GLY A 138 -19.48 -11.35 39.01
C GLY A 138 -18.63 -10.12 38.73
N THR A 139 -18.40 -9.88 37.44
CA THR A 139 -17.63 -8.73 36.98
C THR A 139 -18.56 -7.78 36.24
N ALA A 140 -18.54 -6.51 36.62
CA ALA A 140 -19.38 -5.49 36.01
C ALA A 140 -18.60 -4.75 34.93
N ALA A 141 -19.35 -4.10 34.05
CA ALA A 141 -18.78 -3.35 32.94
C ALA A 141 -19.39 -1.97 32.87
N LEU A 142 -18.57 -1.00 32.50
CA LEU A 142 -19.00 0.38 32.34
C LEU A 142 -18.07 1.06 31.34
N GLY A 143 -18.61 2.01 30.61
CA GLY A 143 -17.85 2.65 29.57
C GLY A 143 -18.40 4.01 29.22
N CYS A 144 -17.77 4.64 28.24
CA CYS A 144 -18.00 6.03 27.87
C CYS A 144 -18.51 6.09 26.45
N LEU A 145 -19.60 6.81 26.24
CA LEU A 145 -20.25 6.92 24.94
C LEU A 145 -19.94 8.27 24.31
N VAL A 146 -19.55 8.26 23.04
CA VAL A 146 -19.30 9.47 22.28
C VAL A 146 -20.20 9.44 21.05
N LYS A 147 -20.94 10.52 20.82
CA LYS A 147 -21.94 10.58 19.77
C LYS A 147 -21.76 11.84 18.94
N ASP A 148 -22.05 11.73 17.65
CA ASP A 148 -22.12 12.88 16.74
C ASP A 148 -20.82 13.67 16.71
N TYR A 149 -19.77 13.01 16.24
CA TYR A 149 -18.47 13.65 16.06
C TYR A 149 -18.09 13.61 14.58
N PHE A 150 -17.29 14.58 14.17
CA PHE A 150 -16.84 14.65 12.79
C PHE A 150 -15.63 15.57 12.73
N PRO A 151 -14.57 15.22 11.98
CA PRO A 151 -14.41 13.94 11.29
C PRO A 151 -13.57 12.94 12.06
N GLU A 152 -13.20 11.84 11.41
CA GLU A 152 -12.27 10.89 11.99
C GLU A 152 -10.87 11.50 12.08
N PRO A 153 -10.03 10.99 12.99
CA PRO A 153 -10.27 9.91 13.95
C PRO A 153 -10.58 10.38 15.37
N VAL A 154 -11.07 9.46 16.20
CA VAL A 154 -11.34 9.74 17.61
C VAL A 154 -10.78 8.59 18.44
N THR A 155 -10.01 8.92 19.46
CA THR A 155 -9.41 7.94 20.36
C THR A 155 -9.99 8.09 21.76
N VAL A 156 -10.27 6.96 22.41
CA VAL A 156 -10.82 6.93 23.75
C VAL A 156 -9.80 6.28 24.67
N SER A 157 -9.40 7.01 25.71
CA SER A 157 -8.44 6.51 26.69
C SER A 157 -9.07 6.47 28.07
N TRP A 158 -8.63 5.50 28.87
CA TRP A 158 -9.15 5.31 30.22
C TRP A 158 -8.00 5.42 31.21
N ASN A 159 -8.20 6.22 32.27
CA ASN A 159 -7.19 6.46 33.29
C ASN A 159 -5.89 6.97 32.67
N SER A 160 -6.02 7.84 31.67
CA SER A 160 -4.90 8.44 30.95
C SER A 160 -3.96 7.40 30.35
N GLY A 161 -4.52 6.31 29.82
CA GLY A 161 -3.73 5.25 29.22
C GLY A 161 -3.23 4.20 30.17
N ALA A 162 -3.52 4.31 31.47
CA ALA A 162 -3.05 3.32 32.43
C ALA A 162 -3.82 2.02 32.35
N LEU A 163 -5.02 2.03 31.79
CA LEU A 163 -5.86 0.85 31.68
C LEU A 163 -6.18 0.32 30.29
N THR A 164 -5.50 -0.77 29.91
CA THR A 164 -5.73 -1.41 28.62
C THR A 164 -6.54 -2.70 28.61
N SER A 165 -6.65 -3.33 29.78
CA SER A 165 -7.36 -4.60 29.88
C SER A 165 -8.86 -4.40 29.70
N GLY A 166 -9.47 -5.25 28.87
CA GLY A 166 -10.90 -5.20 28.68
C GLY A 166 -11.43 -4.03 27.87
N VAL A 167 -10.54 -3.28 27.22
CA VAL A 167 -10.97 -2.12 26.43
C VAL A 167 -11.52 -2.61 25.10
N HIS A 168 -12.74 -2.18 24.78
CA HIS A 168 -13.40 -2.57 23.53
C HIS A 168 -14.00 -1.33 22.89
N THR A 169 -13.31 -0.81 21.88
CA THR A 169 -13.77 0.36 21.13
C THR A 169 -14.42 -0.10 19.84
N PHE A 170 -15.72 0.16 19.72
CA PHE A 170 -16.41 -0.30 18.52
C PHE A 170 -16.10 0.61 17.33
N PRO A 171 -15.95 0.04 16.14
CA PRO A 171 -15.66 0.85 14.96
C PRO A 171 -16.78 1.84 14.68
N ALA A 172 -16.39 2.99 14.12
CA ALA A 172 -17.36 4.03 13.81
C ALA A 172 -18.31 3.58 12.70
N VAL A 173 -19.58 3.95 12.85
CA VAL A 173 -20.62 3.65 11.87
C VAL A 173 -21.30 4.95 11.48
N LEU A 174 -21.64 5.07 10.19
CA LEU A 174 -22.26 6.27 9.67
C LEU A 174 -23.74 6.29 10.02
N GLN A 175 -24.18 7.32 10.74
CA GLN A 175 -25.60 7.52 11.01
C GLN A 175 -26.26 8.23 9.84
N SER A 176 -27.59 8.36 9.94
CA SER A 176 -28.35 9.04 8.88
C SER A 176 -28.03 10.53 8.81
N SER A 177 -27.51 11.12 9.88
CA SER A 177 -27.24 12.55 9.94
C SER A 177 -25.88 12.93 9.38
N GLY A 178 -25.08 11.97 8.94
CA GLY A 178 -23.75 12.26 8.46
C GLY A 178 -22.70 12.42 9.53
N LEU A 179 -23.06 12.19 10.80
CA LEU A 179 -22.14 12.30 11.92
C LEU A 179 -21.85 10.91 12.46
N TYR A 180 -20.60 10.71 12.88
CA TYR A 180 -20.12 9.40 13.31
C TYR A 180 -20.38 9.19 14.80
N SER A 181 -20.37 7.91 15.20
CA SER A 181 -20.60 7.53 16.58
C SER A 181 -19.74 6.32 16.92
N LEU A 182 -19.44 6.16 18.21
CA LEU A 182 -18.72 5.00 18.69
C LEU A 182 -19.07 4.77 20.16
N SER A 183 -18.83 3.55 20.61
CA SER A 183 -19.04 3.17 22.00
C SER A 183 -17.83 2.43 22.52
N SER A 184 -17.34 2.85 23.69
CA SER A 184 -16.19 2.24 24.34
C SER A 184 -16.62 1.71 25.69
N VAL A 185 -16.31 0.43 25.95
CA VAL A 185 -16.65 -0.22 27.21
C VAL A 185 -15.42 -0.96 27.72
N VAL A 186 -15.35 -1.11 29.05
CA VAL A 186 -14.27 -1.84 29.71
C VAL A 186 -14.86 -2.78 30.74
N THR A 187 -14.11 -3.82 31.08
CA THR A 187 -14.49 -4.79 32.10
C THR A 187 -13.49 -4.73 33.25
N VAL A 188 -13.97 -4.32 34.42
CA VAL A 188 -13.09 -4.17 35.59
C VAL A 188 -13.77 -4.81 36.79
N PRO A 189 -13.00 -5.29 37.75
CA PRO A 189 -13.59 -5.84 38.98
C PRO A 189 -14.39 -4.80 39.73
N SER A 190 -15.46 -5.25 40.39
CA SER A 190 -16.33 -4.33 41.11
C SER A 190 -15.67 -3.79 42.37
N SER A 191 -14.60 -4.44 42.84
CA SER A 191 -13.93 -4.00 44.06
C SER A 191 -13.25 -2.64 43.90
N SER A 192 -12.88 -2.26 42.68
CA SER A 192 -12.24 -0.98 42.43
C SER A 192 -13.22 0.10 42.02
N LEU A 193 -14.53 -0.19 42.01
CA LEU A 193 -15.50 0.81 41.60
C LEU A 193 -15.54 1.99 42.56
N GLY A 194 -15.64 1.72 43.87
CA GLY A 194 -15.70 2.79 44.85
C GLY A 194 -14.34 3.34 45.26
N THR A 195 -13.26 2.66 44.91
CA THR A 195 -11.92 3.10 45.26
C THR A 195 -10.96 3.54 44.16
N GLN A 196 -11.35 3.36 42.90
CA GLN A 196 -10.52 3.78 41.78
C GLN A 196 -11.54 4.64 41.04
N THR A 197 -11.08 5.80 40.57
CA THR A 197 -11.92 6.72 39.82
C THR A 197 -11.65 6.53 38.33
N TYR A 198 -12.70 6.26 37.56
CA TYR A 198 -12.59 6.00 36.14
C TYR A 198 -13.05 7.22 35.36
N ILE A 199 -12.23 7.64 34.40
CA ILE A 199 -12.49 8.81 33.57
C ILE A 199 -12.24 8.43 32.12
N CYS A 200 -13.14 8.86 31.24
CA CYS A 200 -13.01 8.63 29.81
C CYS A 200 -12.51 9.91 29.14
N ASN A 201 -11.68 9.72 28.12
CA ASN A 201 -11.05 10.84 27.41
C ASN A 201 -11.31 10.67 25.92
N VAL A 202 -12.19 11.50 25.37
CA VAL A 202 -12.46 11.54 23.94
C VAL A 202 -11.51 12.54 23.31
N ASN A 203 -10.95 12.18 22.16
CA ASN A 203 -9.95 12.99 21.49
C ASN A 203 -10.40 13.29 20.07
N HIS A 204 -10.36 14.57 19.69
CA HIS A 204 -10.66 14.98 18.33
C HIS A 204 -9.52 15.85 17.84
N LYS A 205 -8.59 15.25 17.10
CA LYS A 205 -7.42 15.98 16.60
C LYS A 205 -7.77 17.14 15.68
N PRO A 206 -8.66 16.99 14.69
CA PRO A 206 -8.89 18.10 13.75
C PRO A 206 -9.36 19.39 14.42
N SER A 207 -10.24 19.30 15.42
CA SER A 207 -10.76 20.49 16.09
C SER A 207 -10.10 20.73 17.45
N ASN A 208 -9.10 19.94 17.81
CA ASN A 208 -8.39 20.09 19.09
C ASN A 208 -9.35 20.09 20.27
N THR A 209 -10.34 19.19 20.22
CA THR A 209 -11.35 19.11 21.26
C THR A 209 -10.85 18.16 22.35
N LYS A 210 -10.69 18.68 23.56
CA LYS A 210 -10.15 17.92 24.69
C LYS A 210 -11.24 17.86 25.75
N VAL A 211 -12.01 16.77 25.76
CA VAL A 211 -13.12 16.61 26.68
C VAL A 211 -12.81 15.41 27.57
N ASP A 212 -12.83 15.63 28.89
CA ASP A 212 -12.60 14.59 29.88
C ASP A 212 -13.83 14.45 30.75
N LYS A 213 -14.37 13.23 30.83
CA LYS A 213 -15.59 12.96 31.59
C LYS A 213 -15.33 11.90 32.64
N LYS A 214 -15.59 12.26 33.90
CA LYS A 214 -15.41 11.36 35.04
C LYS A 214 -16.68 10.55 35.25
N VAL A 215 -16.52 9.24 35.41
CA VAL A 215 -17.63 8.29 35.47
C VAL A 215 -17.57 7.57 36.82
N GLU A 216 -18.71 7.51 37.51
CA GLU A 216 -18.83 6.85 38.79
C GLU A 216 -20.07 5.98 38.80
N PRO A 217 -19.99 4.77 39.36
CA PRO A 217 -21.20 3.96 39.52
C PRO A 217 -22.23 4.67 40.38
N LYS A 218 -23.50 4.50 40.03
CA LYS A 218 -24.61 5.14 40.74
C LYS A 218 -25.30 4.16 41.69
N ILE B 2 -1.76 -4.55 -14.28
CA ILE B 2 -2.02 -5.98 -14.28
C ILE B 2 -3.28 -6.28 -13.47
N ARG B 3 -4.10 -7.20 -13.99
CA ARG B 3 -5.34 -7.60 -13.31
C ARG B 3 -4.98 -8.66 -12.27
N MET B 4 -4.46 -8.19 -11.13
CA MET B 4 -4.09 -9.09 -10.06
C MET B 4 -5.33 -9.74 -9.46
N THR B 5 -5.25 -11.05 -9.21
CA THR B 5 -6.40 -11.84 -8.77
C THR B 5 -6.00 -12.70 -7.58
N GLN B 6 -6.67 -12.48 -6.45
CA GLN B 6 -6.52 -13.35 -5.29
C GLN B 6 -7.80 -14.14 -5.07
N SER B 7 -7.68 -15.47 -5.06
CA SER B 7 -8.86 -16.32 -5.01
C SER B 7 -9.52 -16.64 -3.67
N PRO B 8 -8.78 -16.78 -2.57
CA PRO B 8 -9.43 -16.90 -1.27
C PRO B 8 -9.67 -15.69 -0.37
N ALA B 9 -10.94 -15.32 -0.23
CA ALA B 9 -11.33 -14.23 0.65
C ALA B 9 -11.94 -14.48 2.02
N SER B 10 -12.38 -15.70 2.30
CA SER B 10 -13.02 -15.99 3.59
C SER B 10 -12.33 -17.35 3.54
N LEU B 11 -11.49 -17.65 4.54
CA LEU B 11 -10.82 -18.94 4.57
C LEU B 11 -10.70 -18.84 6.09
N SER B 12 -11.00 -19.94 6.76
CA SER B 12 -10.99 -19.97 8.23
C SER B 12 -10.49 -21.34 8.67
N ALA B 13 -9.34 -21.36 9.33
CA ALA B 13 -8.75 -22.58 9.84
C ALA B 13 -8.60 -22.50 11.36
N SER B 14 -8.65 -23.66 12.00
CA SER B 14 -8.47 -23.75 13.43
C SER B 14 -7.02 -23.47 13.81
N ILE B 15 -6.75 -23.53 15.11
CA ILE B 15 -5.41 -23.27 15.64
C ILE B 15 -4.41 -24.26 15.04
N GLY B 16 -3.26 -23.74 14.59
CA GLY B 16 -2.21 -24.58 14.06
C GLY B 16 -2.46 -25.38 12.80
N ASP B 17 -2.94 -24.72 11.74
CA ASP B 17 -3.27 -25.42 10.52
C ASP B 17 -2.46 -24.95 9.31
N ARG B 18 -2.62 -25.67 8.22
CA ARG B 18 -1.90 -25.43 6.97
C ARG B 18 -2.86 -24.83 5.95
N VAL B 19 -2.67 -23.56 5.62
CA VAL B 19 -3.50 -22.88 4.62
C VAL B 19 -2.63 -22.36 3.49
N THR B 20 -3.25 -21.79 2.46
CA THR B 20 -2.53 -21.36 1.28
C THR B 20 -3.30 -20.25 0.58
N ILE B 21 -2.58 -19.21 0.16
CA ILE B 21 -3.15 -18.09 -0.56
C ILE B 21 -2.56 -18.07 -1.97
N THR B 22 -3.41 -17.77 -2.96
CA THR B 22 -3.02 -17.81 -4.36
C THR B 22 -3.29 -16.46 -5.00
N CYS B 23 -2.23 -15.75 -5.38
CA CYS B 23 -2.35 -14.53 -6.16
C CYS B 23 -1.99 -14.80 -7.62
N GLN B 24 -2.85 -14.33 -8.52
CA GLN B 24 -2.71 -14.65 -9.94
C GLN B 24 -2.66 -13.35 -10.73
N ALA B 25 -1.85 -13.34 -11.80
CA ALA B 25 -1.65 -12.11 -12.61
C ALA B 25 -2.12 -12.30 -14.04
N SER B 26 -1.99 -11.27 -14.86
CA SER B 26 -2.49 -11.34 -16.26
C SER B 26 -1.38 -11.34 -17.31
N GLN B 27 -0.10 -11.44 -16.90
CA GLN B 27 1.06 -11.37 -17.84
C GLN B 27 2.23 -12.09 -17.18
N ASP B 28 3.44 -11.98 -17.72
CA ASP B 28 4.59 -12.58 -16.99
C ASP B 28 5.20 -11.47 -16.15
N ILE B 29 5.13 -11.57 -14.83
CA ILE B 29 5.77 -10.56 -13.94
C ILE B 29 7.02 -11.24 -13.42
N ASN B 30 7.34 -12.40 -13.95
CA ASN B 30 8.59 -13.07 -13.54
C ASN B 30 8.50 -13.29 -12.05
N LYS B 31 9.42 -12.76 -11.27
CA LYS B 31 9.41 -13.10 -9.84
C LYS B 31 9.18 -11.85 -9.00
N TYR B 32 8.91 -10.72 -9.60
CA TYR B 32 8.78 -9.44 -8.85
C TYR B 32 7.38 -9.21 -8.26
N LEU B 33 6.97 -10.03 -7.29
CA LEU B 33 5.65 -9.89 -6.62
C LEU B 33 5.94 -10.05 -5.15
N ASN B 34 5.70 -9.05 -4.34
CA ASN B 34 5.87 -8.97 -2.91
C ASN B 34 4.59 -9.37 -2.20
N TRP B 35 4.74 -9.96 -1.01
CA TRP B 35 3.60 -10.35 -0.18
C TRP B 35 3.60 -9.50 1.08
N TYR B 36 2.47 -8.83 1.34
CA TYR B 36 2.35 -7.94 2.47
C TYR B 36 1.42 -8.53 3.52
N GLN B 37 1.55 -8.03 4.75
CA GLN B 37 0.69 -8.42 5.85
C GLN B 37 0.26 -7.16 6.59
N GLN B 38 -1.04 -6.87 6.57
CA GLN B 38 -1.59 -5.67 7.20
C GLN B 38 -2.50 -6.09 8.34
N LYS B 39 -2.04 -5.88 9.57
CA LYS B 39 -2.87 -6.08 10.74
C LYS B 39 -3.90 -4.96 10.85
N PRO B 40 -5.00 -5.18 11.57
CA PRO B 40 -6.02 -4.14 11.70
C PRO B 40 -5.47 -2.83 12.27
N GLY B 41 -5.65 -1.75 11.54
CA GLY B 41 -5.14 -0.44 11.96
C GLY B 41 -3.67 -0.22 11.75
N LYS B 42 -2.83 -1.17 12.18
CA LYS B 42 -1.39 -1.04 12.05
C LYS B 42 -0.99 -1.17 10.58
N ALA B 43 0.12 -0.48 10.20
CA ALA B 43 0.64 -0.37 8.85
C ALA B 43 1.12 -1.72 8.33
N PRO B 44 0.96 -1.96 7.03
CA PRO B 44 1.36 -3.25 6.45
C PRO B 44 2.84 -3.59 6.63
N ARG B 45 3.14 -4.88 6.69
CA ARG B 45 4.50 -5.39 6.79
C ARG B 45 4.87 -6.14 5.52
N LEU B 46 6.12 -6.03 5.11
CA LEU B 46 6.61 -6.88 4.03
C LEU B 46 7.14 -8.27 4.33
N LEU B 47 6.34 -9.29 3.99
CA LEU B 47 6.71 -10.67 4.24
C LEU B 47 7.55 -11.53 3.31
N ILE B 48 7.29 -11.48 2.00
CA ILE B 48 8.07 -12.23 1.04
C ILE B 48 8.34 -11.36 -0.18
N TYR B 49 9.53 -10.79 -0.27
CA TYR B 49 9.88 -9.98 -1.42
C TYR B 49 10.39 -10.87 -2.55
N ASP B 50 10.10 -10.44 -3.78
CA ASP B 50 10.47 -11.19 -4.99
C ASP B 50 9.69 -12.48 -5.23
N ALA B 51 8.78 -12.80 -4.31
CA ALA B 51 7.99 -14.05 -4.38
C ALA B 51 8.73 -15.29 -3.89
N SER B 52 10.05 -15.18 -3.70
CA SER B 52 10.85 -16.32 -3.19
C SER B 52 11.80 -16.01 -2.03
N ASN B 53 11.65 -14.86 -1.37
CA ASN B 53 12.63 -14.54 -0.34
C ASN B 53 11.84 -13.95 0.82
N LEU B 54 11.81 -14.65 1.95
CA LEU B 54 11.20 -14.10 3.15
C LEU B 54 12.20 -13.21 3.88
N GLU B 55 11.73 -12.02 4.29
CA GLU B 55 12.61 -11.07 4.96
C GLU B 55 13.05 -11.60 6.31
N THR B 56 14.30 -11.29 6.68
CA THR B 56 14.84 -11.70 7.96
C THR B 56 14.10 -11.03 9.11
N GLY B 57 14.02 -11.73 10.23
CA GLY B 57 13.28 -11.27 11.40
C GLY B 57 11.84 -11.72 11.43
N VAL B 58 11.29 -12.12 10.30
CA VAL B 58 9.93 -12.66 10.26
C VAL B 58 10.02 -13.96 11.03
N PRO B 59 8.90 -14.56 11.45
CA PRO B 59 8.94 -15.89 12.08
C PRO B 59 9.19 -16.63 10.76
N SER B 60 9.46 -17.92 10.86
CA SER B 60 9.93 -18.70 9.71
C SER B 60 8.87 -19.62 9.13
N ARG B 61 7.60 -19.24 9.26
CA ARG B 61 6.55 -20.16 8.77
C ARG B 61 6.07 -19.78 7.37
N PHE B 62 6.15 -18.50 7.00
CA PHE B 62 5.58 -18.05 5.73
C PHE B 62 6.54 -18.33 4.59
N SER B 63 6.06 -19.06 3.58
CA SER B 63 6.84 -19.40 2.42
C SER B 63 6.02 -19.16 1.16
N GLY B 64 6.68 -18.67 0.12
CA GLY B 64 6.03 -18.42 -1.15
C GLY B 64 6.93 -18.79 -2.30
N SER B 65 6.31 -19.25 -3.38
CA SER B 65 7.04 -19.68 -4.56
C SER B 65 6.15 -19.51 -5.79
N GLY B 66 6.75 -19.02 -6.87
CA GLY B 66 6.00 -18.84 -8.10
C GLY B 66 6.88 -18.21 -9.16
N SER B 67 6.34 -18.16 -10.37
CA SER B 67 7.03 -17.58 -11.51
C SER B 67 6.03 -17.40 -12.63
N GLY B 68 6.13 -16.27 -13.34
CA GLY B 68 5.29 -16.03 -14.49
C GLY B 68 4.01 -15.68 -13.77
N THR B 69 2.87 -15.95 -14.42
CA THR B 69 1.56 -15.56 -13.90
C THR B 69 1.00 -15.95 -12.54
N ASP B 70 0.98 -17.25 -12.21
CA ASP B 70 0.32 -17.71 -10.99
C ASP B 70 1.33 -17.83 -9.87
N PHE B 71 0.98 -17.25 -8.71
CA PHE B 71 1.82 -17.29 -7.52
C PHE B 71 1.00 -17.81 -6.36
N THR B 72 1.70 -18.40 -5.38
CA THR B 72 1.06 -18.98 -4.22
C THR B 72 1.77 -18.54 -2.95
N PHE B 73 1.00 -18.41 -1.87
CA PHE B 73 1.50 -18.02 -0.57
C PHE B 73 1.04 -19.05 0.47
N THR B 74 1.96 -19.45 1.34
CA THR B 74 1.72 -20.55 2.27
C THR B 74 1.95 -20.10 3.70
N ILE B 75 1.26 -20.75 4.62
CA ILE B 75 1.38 -20.49 6.05
C ILE B 75 1.63 -21.83 6.73
N SER B 76 2.81 -21.99 7.34
CA SER B 76 3.18 -23.26 7.95
C SER B 76 2.65 -23.62 9.32
N SER B 77 2.41 -22.62 10.17
CA SER B 77 1.93 -22.84 11.53
C SER B 77 1.07 -21.61 11.78
N LEU B 78 -0.22 -21.84 12.06
CA LEU B 78 -1.18 -20.76 12.28
C LEU B 78 -1.23 -20.42 13.77
N GLN B 79 -0.32 -19.55 14.18
CA GLN B 79 -0.34 -19.04 15.55
C GLN B 79 -1.56 -18.14 15.74
N PRO B 80 -2.10 -18.04 16.96
CA PRO B 80 -3.29 -17.20 17.17
C PRO B 80 -3.06 -15.74 16.81
N GLU B 81 -1.84 -15.24 17.00
CA GLU B 81 -1.52 -13.87 16.63
C GLU B 81 -1.10 -13.80 15.17
N ASP B 82 -1.93 -14.32 14.27
CA ASP B 82 -1.68 -14.25 12.83
C ASP B 82 -2.85 -13.65 12.06
N ILE B 83 -3.79 -13.00 12.75
CA ILE B 83 -4.97 -12.46 12.07
C ILE B 83 -4.60 -11.16 11.38
N ALA B 84 -4.77 -11.13 10.05
CA ALA B 84 -4.45 -9.95 9.26
C ALA B 84 -5.02 -10.05 7.85
N THR B 85 -4.69 -9.09 7.00
CA THR B 85 -5.07 -9.13 5.59
C THR B 85 -3.80 -9.05 4.76
N TYR B 86 -3.61 -10.00 3.85
CA TYR B 86 -2.38 -10.13 3.08
C TYR B 86 -2.60 -9.68 1.64
N TYR B 87 -1.63 -8.94 1.12
CA TYR B 87 -1.73 -8.34 -0.21
C TYR B 87 -0.54 -8.77 -1.06
N CYS B 88 -0.77 -8.90 -2.36
CA CYS B 88 0.28 -9.20 -3.32
C CYS B 88 0.48 -8.00 -4.24
N GLN B 89 1.73 -7.54 -4.36
CA GLN B 89 2.08 -6.38 -5.16
C GLN B 89 3.16 -6.73 -6.16
N GLN B 90 3.04 -6.19 -7.37
CA GLN B 90 4.07 -6.30 -8.40
C GLN B 90 4.67 -4.90 -8.60
N TYR B 91 5.99 -4.82 -8.54
CA TYR B 91 6.64 -3.52 -8.40
C TYR B 91 7.53 -3.12 -9.56
N ASP B 92 7.39 -3.77 -10.72
CA ASP B 92 8.22 -3.40 -11.86
C ASP B 92 7.48 -2.99 -13.13
N ASN B 93 6.17 -3.15 -13.15
CA ASN B 93 5.40 -2.65 -14.29
C ASN B 93 4.87 -1.36 -13.69
N LEU B 94 5.00 -0.27 -14.44
CA LEU B 94 4.73 1.07 -13.91
C LEU B 94 3.32 1.21 -13.34
N PRO B 95 2.26 0.72 -14.01
CA PRO B 95 0.95 0.73 -13.35
C PRO B 95 0.88 -0.29 -12.23
N ILE B 96 1.56 0.01 -11.12
CA ILE B 96 1.63 -0.90 -9.98
C ILE B 96 0.23 -1.11 -9.41
N THR B 97 -0.26 -2.33 -9.52
CA THR B 97 -1.59 -2.68 -9.04
C THR B 97 -1.49 -3.72 -7.94
N PHE B 98 -2.19 -3.47 -6.83
CA PHE B 98 -2.18 -4.40 -5.71
C PHE B 98 -3.23 -5.48 -5.93
N GLY B 99 -3.46 -6.30 -4.90
CA GLY B 99 -4.45 -7.36 -5.02
C GLY B 99 -5.56 -7.03 -4.04
N GLN B 100 -6.62 -7.84 -4.03
CA GLN B 100 -7.74 -7.60 -3.14
C GLN B 100 -7.69 -7.85 -1.64
N GLY B 101 -6.77 -8.68 -1.19
CA GLY B 101 -6.62 -8.96 0.22
C GLY B 101 -7.34 -10.26 0.47
N THR B 102 -6.89 -11.01 1.48
CA THR B 102 -7.54 -12.23 1.91
C THR B 102 -7.59 -12.08 3.43
N ARG B 103 -8.74 -11.65 3.95
CA ARG B 103 -8.92 -11.49 5.38
C ARG B 103 -8.94 -12.85 6.06
N LEU B 104 -7.91 -13.14 6.84
CA LEU B 104 -7.80 -14.43 7.52
C LEU B 104 -8.32 -14.30 8.95
N GLU B 105 -9.01 -15.35 9.40
CA GLU B 105 -9.58 -15.39 10.74
C GLU B 105 -9.30 -16.75 11.36
N ILE B 106 -9.67 -16.90 12.62
CA ILE B 106 -9.39 -18.11 13.38
C ILE B 106 -10.71 -18.68 13.89
N LYS B 107 -10.74 -20.01 14.02
CA LYS B 107 -11.95 -20.73 14.38
C LYS B 107 -11.72 -21.53 15.64
N ARG B 108 -12.74 -21.53 16.52
CA ARG B 108 -12.67 -22.22 17.79
C ARG B 108 -14.10 -22.55 18.21
N THR B 109 -14.25 -23.11 19.40
CA THR B 109 -15.56 -23.51 19.89
C THR B 109 -16.43 -22.31 20.23
N VAL B 110 -17.69 -22.54 20.59
CA VAL B 110 -18.57 -21.46 20.99
C VAL B 110 -18.30 -21.06 22.42
N ALA B 111 -18.90 -19.93 22.83
CA ALA B 111 -18.75 -19.42 24.19
C ALA B 111 -20.05 -18.75 24.62
N ALA B 112 -20.32 -18.78 25.91
CA ALA B 112 -21.53 -18.17 26.45
C ALA B 112 -21.36 -16.65 26.52
N PRO B 113 -22.20 -15.87 25.84
CA PRO B 113 -22.02 -14.42 25.84
C PRO B 113 -22.61 -13.76 27.09
N SER B 114 -21.97 -12.67 27.50
CA SER B 114 -22.45 -11.84 28.60
C SER B 114 -23.13 -10.60 28.02
N VAL B 115 -24.38 -10.37 28.43
CA VAL B 115 -25.21 -9.32 27.85
C VAL B 115 -25.42 -8.22 28.88
N PHE B 116 -25.06 -6.99 28.51
CA PHE B 116 -25.31 -5.82 29.33
C PHE B 116 -26.09 -4.79 28.50
N ILE B 117 -26.87 -3.97 29.19
CA ILE B 117 -27.65 -2.91 28.56
C ILE B 117 -27.54 -1.66 29.42
N PHE B 118 -27.51 -0.50 28.77
CA PHE B 118 -27.35 0.77 29.46
C PHE B 118 -28.58 1.65 29.25
N PRO B 119 -29.04 2.37 30.27
CA PRO B 119 -30.18 3.26 30.11
C PRO B 119 -29.73 4.65 29.69
N PRO B 120 -30.63 5.44 29.10
CA PRO B 120 -30.27 6.82 28.74
C PRO B 120 -30.07 7.67 29.99
N SER B 121 -29.23 8.70 29.85
CA SER B 121 -28.97 9.63 30.94
C SER B 121 -30.06 10.71 30.99
N ASP B 122 -30.20 11.31 32.18
CA ASP B 122 -31.25 12.30 32.38
C ASP B 122 -31.01 13.54 31.53
N GLU B 123 -29.75 13.96 31.40
CA GLU B 123 -29.44 15.17 30.65
C GLU B 123 -29.85 15.04 29.18
N GLN B 124 -29.54 13.90 28.55
CA GLN B 124 -29.93 13.70 27.17
C GLN B 124 -31.45 13.65 27.02
N LEU B 125 -32.13 12.98 27.95
CA LEU B 125 -33.59 12.90 27.89
C LEU B 125 -34.23 14.27 28.01
N LYS B 126 -33.69 15.11 28.89
CA LYS B 126 -34.16 16.49 28.99
C LYS B 126 -33.70 17.40 27.86
N SER B 127 -32.84 16.89 26.98
CA SER B 127 -32.31 17.69 25.88
C SER B 127 -33.00 17.06 24.67
N GLY B 128 -34.16 16.54 24.77
CA GLY B 128 -34.94 16.08 23.63
C GLY B 128 -34.61 14.88 22.78
N THR B 129 -33.77 13.96 23.24
CA THR B 129 -33.36 12.80 22.46
C THR B 129 -32.98 11.69 23.44
N ALA B 130 -33.05 10.44 22.98
CA ALA B 130 -32.74 9.29 23.81
C ALA B 130 -31.80 8.35 23.08
N SER B 131 -31.02 7.58 23.84
CA SER B 131 -30.11 6.59 23.31
C SER B 131 -30.20 5.33 24.15
N VAL B 132 -30.62 4.23 23.52
CA VAL B 132 -30.71 2.92 24.18
C VAL B 132 -29.74 1.98 23.48
N VAL B 133 -28.80 1.42 24.24
CA VAL B 133 -27.79 0.52 23.71
C VAL B 133 -27.78 -0.76 24.52
N CYS B 134 -27.96 -1.88 23.83
CA CYS B 134 -27.81 -3.21 24.41
C CYS B 134 -26.53 -3.83 23.87
N LEU B 135 -25.73 -4.39 24.76
CA LEU B 135 -24.37 -4.81 24.45
C LEU B 135 -24.26 -6.32 24.51
N LEU B 136 -23.52 -6.89 23.56
CA LEU B 136 -23.26 -8.33 23.49
C LEU B 136 -21.76 -8.54 23.37
N ASN B 137 -21.19 -9.35 24.28
CA ASN B 137 -19.77 -9.60 24.31
C ASN B 137 -19.48 -11.09 24.36
N ASN B 138 -18.34 -11.49 23.78
CA ASN B 138 -17.83 -12.85 23.87
C ASN B 138 -18.83 -13.86 23.30
N PHE B 139 -19.07 -13.73 22.01
CA PHE B 139 -19.98 -14.63 21.32
C PHE B 139 -19.34 -15.12 20.03
N TYR B 140 -19.92 -16.19 19.49
CA TYR B 140 -19.48 -16.86 18.28
C TYR B 140 -20.74 -17.21 17.48
N PRO B 141 -20.82 -16.81 16.21
CA PRO B 141 -19.95 -15.92 15.43
C PRO B 141 -20.40 -14.47 15.35
N ARG B 142 -19.81 -13.77 14.38
CA ARG B 142 -20.25 -12.43 14.03
C ARG B 142 -21.68 -12.44 13.52
N GLU B 143 -22.11 -13.54 12.91
CA GLU B 143 -23.46 -13.69 12.40
C GLU B 143 -24.34 -14.24 13.50
N ALA B 144 -25.41 -13.51 13.82
CA ALA B 144 -26.33 -13.92 14.87
C ALA B 144 -27.69 -13.30 14.59
N LYS B 145 -28.72 -13.85 15.25
CA LYS B 145 -30.08 -13.37 15.10
C LYS B 145 -30.35 -12.28 16.12
N VAL B 146 -30.53 -11.06 15.63
CA VAL B 146 -30.85 -9.90 16.47
C VAL B 146 -32.12 -9.25 15.92
N GLN B 147 -33.06 -8.98 16.82
CA GLN B 147 -34.37 -8.45 16.42
C GLN B 147 -34.81 -7.40 17.42
N TRP B 148 -35.77 -6.58 17.00
CA TRP B 148 -36.38 -5.56 17.84
C TRP B 148 -37.90 -5.70 17.76
N LYS B 149 -38.57 -5.35 18.86
CA LYS B 149 -40.02 -5.45 18.95
C LYS B 149 -40.59 -4.07 19.25
N VAL B 150 -41.48 -3.59 18.38
CA VAL B 150 -42.13 -2.29 18.54
C VAL B 150 -43.63 -2.56 18.51
N ASP B 151 -44.28 -2.41 19.67
CA ASP B 151 -45.72 -2.63 19.80
C ASP B 151 -46.13 -4.01 19.32
N ASN B 152 -45.28 -5.00 19.62
CA ASN B 152 -45.49 -6.39 19.21
C ASN B 152 -45.59 -6.52 17.69
N ALA B 153 -44.90 -5.65 16.97
CA ALA B 153 -44.86 -5.67 15.51
C ALA B 153 -43.41 -5.72 15.06
N LEU B 154 -43.16 -6.42 13.95
CA LEU B 154 -41.80 -6.55 13.43
C LEU B 154 -41.24 -5.18 13.09
N GLN B 155 -40.01 -4.92 13.55
CA GLN B 155 -39.35 -3.64 13.35
C GLN B 155 -38.13 -3.82 12.46
N SER B 156 -38.01 -2.94 11.45
CA SER B 156 -36.89 -2.98 10.54
C SER B 156 -36.62 -1.56 10.03
N GLY B 157 -35.39 -1.34 9.59
CA GLY B 157 -34.99 -0.04 9.09
C GLY B 157 -34.72 1.02 10.14
N ASN B 158 -34.69 0.64 11.42
CA ASN B 158 -34.41 1.60 12.48
C ASN B 158 -33.24 1.16 13.38
N SER B 159 -32.68 -0.01 13.13
CA SER B 159 -31.54 -0.50 13.89
C SER B 159 -30.19 -0.51 13.19
N GLN B 160 -29.13 -0.40 14.00
CA GLN B 160 -27.76 -0.47 13.49
C GLN B 160 -26.92 -1.30 14.46
N GLU B 161 -25.98 -2.05 13.90
CA GLU B 161 -25.07 -2.88 14.67
C GLU B 161 -23.64 -2.67 14.19
N SER B 162 -22.69 -2.75 15.12
CA SER B 162 -21.27 -2.69 14.80
C SER B 162 -20.57 -3.83 15.52
N VAL B 163 -19.76 -4.58 14.78
CA VAL B 163 -19.04 -5.75 15.31
C VAL B 163 -17.57 -5.40 15.41
N THR B 164 -17.00 -5.61 16.60
CA THR B 164 -15.57 -5.42 16.78
C THR B 164 -14.79 -6.49 16.02
N GLU B 165 -13.59 -6.12 15.58
CA GLU B 165 -12.74 -7.05 14.88
C GLU B 165 -12.32 -8.20 15.80
N GLN B 166 -12.04 -9.35 15.20
CA GLN B 166 -11.67 -10.54 15.96
C GLN B 166 -10.44 -10.27 16.83
N ASP B 167 -10.54 -10.64 18.10
CA ASP B 167 -9.42 -10.46 19.01
C ASP B 167 -8.30 -11.44 18.67
N SER B 168 -7.07 -11.01 18.92
CA SER B 168 -5.89 -11.78 18.51
C SER B 168 -5.62 -12.89 19.50
N LYS B 169 -5.84 -12.69 20.80
CA LYS B 169 -5.52 -13.73 21.76
C LYS B 169 -6.65 -14.59 22.33
N ASP B 170 -7.85 -14.03 22.44
CA ASP B 170 -8.99 -14.76 22.99
C ASP B 170 -10.06 -15.08 21.95
N SER B 171 -10.01 -14.45 20.78
CA SER B 171 -10.93 -14.72 19.67
C SER B 171 -12.38 -14.60 20.11
N THR B 172 -12.72 -13.45 20.70
CA THR B 172 -14.08 -13.15 21.12
C THR B 172 -14.61 -11.96 20.36
N TYR B 173 -15.95 -11.87 20.31
CA TYR B 173 -16.63 -10.81 19.59
C TYR B 173 -17.42 -9.92 20.53
N SER B 174 -17.62 -8.67 20.11
CA SER B 174 -18.40 -7.69 20.85
C SER B 174 -19.36 -7.01 19.90
N LEU B 175 -20.62 -6.86 20.33
CA LEU B 175 -21.67 -6.27 19.50
C LEU B 175 -22.39 -5.19 20.28
N SER B 176 -22.80 -4.14 19.58
CA SER B 176 -23.57 -3.04 20.14
C SER B 176 -24.65 -2.62 19.16
N SER B 177 -25.84 -2.32 19.68
CA SER B 177 -26.96 -1.85 18.89
C SER B 177 -27.35 -0.46 19.39
N THR B 178 -27.52 0.47 18.46
CA THR B 178 -27.82 1.86 18.79
C THR B 178 -29.24 2.20 18.37
N LEU B 179 -30.04 2.67 19.33
CA LEU B 179 -31.41 3.13 19.07
C LEU B 179 -31.54 4.58 19.53
N THR B 180 -32.15 5.41 18.69
CA THR B 180 -32.31 6.83 18.95
C THR B 180 -33.77 7.22 18.78
N LEU B 181 -34.25 8.07 19.69
CA LEU B 181 -35.62 8.55 19.65
C LEU B 181 -35.67 9.99 20.16
N SER B 182 -36.75 10.69 19.85
CA SER B 182 -36.89 12.08 20.27
C SER B 182 -37.80 12.17 21.48
N LYS B 183 -37.79 13.35 22.13
CA LYS B 183 -38.38 13.53 23.44
C LYS B 183 -39.86 13.19 23.41
N ALA B 184 -40.54 13.57 22.33
CA ALA B 184 -41.97 13.31 22.22
C ALA B 184 -42.25 11.81 22.19
N ASP B 185 -41.45 11.06 21.43
CA ASP B 185 -41.66 9.62 21.34
C ASP B 185 -41.15 8.89 22.58
N TYR B 186 -40.13 9.43 23.24
CA TYR B 186 -39.61 8.81 24.45
C TYR B 186 -40.60 8.95 25.61
N GLU B 187 -41.20 10.13 25.75
CA GLU B 187 -42.08 10.39 26.87
C GLU B 187 -43.40 9.63 26.78
N LYS B 188 -43.69 9.00 25.64
CA LYS B 188 -44.95 8.28 25.48
C LYS B 188 -44.77 6.77 25.45
N HIS B 189 -43.55 6.27 25.24
CA HIS B 189 -43.27 4.85 25.25
C HIS B 189 -42.26 4.22 26.19
N LYS B 190 -42.77 3.52 27.21
CA LYS B 190 -41.95 2.97 28.28
C LYS B 190 -41.42 1.55 28.43
N VAL B 191 -41.78 0.64 27.54
CA VAL B 191 -41.22 -0.71 27.52
C VAL B 191 -40.32 -0.84 26.29
N TYR B 192 -39.05 -1.16 26.53
CA TYR B 192 -38.11 -1.52 25.48
C TYR B 192 -37.35 -2.77 25.91
N ALA B 193 -37.15 -3.69 24.96
CA ALA B 193 -36.45 -4.93 25.24
C ALA B 193 -35.48 -5.26 24.10
N CYS B 194 -34.34 -5.81 24.45
CA CYS B 194 -33.34 -6.27 23.49
C CYS B 194 -33.08 -7.76 23.74
N GLU B 195 -33.45 -8.60 22.79
CA GLU B 195 -33.36 -10.04 22.92
C GLU B 195 -32.57 -10.61 21.75
N VAL B 196 -31.58 -11.45 22.05
CA VAL B 196 -30.73 -12.07 21.05
C VAL B 196 -30.60 -13.55 21.40
N THR B 197 -30.66 -14.40 20.38
CA THR B 197 -30.53 -15.85 20.55
C THR B 197 -29.19 -16.29 20.00
N HIS B 198 -28.40 -16.94 20.86
CA HIS B 198 -27.08 -17.41 20.47
C HIS B 198 -27.16 -18.87 20.00
N GLN B 199 -26.09 -19.32 19.34
CA GLN B 199 -26.02 -20.69 18.85
C GLN B 199 -26.08 -21.71 19.99
N GLY B 200 -25.43 -21.41 21.12
CA GLY B 200 -25.50 -22.29 22.27
C GLY B 200 -26.91 -22.41 22.81
N LEU B 201 -27.42 -23.64 22.88
CA LEU B 201 -28.79 -23.88 23.30
C LEU B 201 -28.93 -23.57 24.78
N SER B 202 -29.65 -22.50 25.10
CA SER B 202 -29.89 -22.09 26.46
C SER B 202 -31.19 -21.30 26.51
N SER B 203 -31.54 -20.82 27.69
CA SER B 203 -32.76 -20.03 27.85
C SER B 203 -32.58 -18.66 27.20
N PRO B 204 -33.53 -18.20 26.39
CA PRO B 204 -33.42 -16.85 25.81
C PRO B 204 -33.24 -15.79 26.89
N VAL B 205 -32.38 -14.83 26.59
CA VAL B 205 -32.06 -13.77 27.54
C VAL B 205 -33.17 -12.74 27.54
N THR B 206 -33.68 -12.43 28.74
CA THR B 206 -34.69 -11.41 28.93
C THR B 206 -34.09 -10.28 29.76
N LYS B 207 -34.17 -9.06 29.23
CA LYS B 207 -33.58 -7.89 29.87
C LYS B 207 -34.69 -6.94 30.27
N SER B 208 -34.73 -6.59 31.56
CA SER B 208 -35.74 -5.70 32.10
C SER B 208 -35.09 -4.62 32.94
N PHE B 209 -35.68 -3.42 32.90
CA PHE B 209 -35.17 -2.28 33.65
C PHE B 209 -36.33 -1.42 34.11
N ASN B 210 -36.15 -0.77 35.25
CA ASN B 210 -37.16 0.15 35.79
C ASN B 210 -36.69 1.59 35.67
N ARG B 211 -37.66 2.50 35.51
CA ARG B 211 -37.34 3.91 35.34
C ARG B 211 -36.88 4.54 36.64
N GLY B 212 -37.48 4.14 37.76
CA GLY B 212 -37.17 4.78 39.03
C GLY B 212 -35.74 4.54 39.48
N GLU B 213 -35.21 3.35 39.20
CA GLU B 213 -33.86 3.00 39.64
C GLU B 213 -32.92 2.83 38.44
N ASN C 308 35.38 1.35 -50.91
CA ASN C 308 35.34 0.48 -49.74
C ASN C 308 34.07 0.67 -48.93
N LEU C 309 33.44 -0.44 -48.57
CA LEU C 309 32.21 -0.41 -47.81
C LEU C 309 32.51 -0.36 -46.31
N CYS C 310 31.58 0.23 -45.56
CA CYS C 310 31.76 0.34 -44.12
C CYS C 310 31.54 -1.02 -43.45
N PRO C 311 32.30 -1.31 -42.39
CA PRO C 311 32.22 -2.65 -41.78
C PRO C 311 30.98 -2.85 -40.92
N PHE C 312 29.81 -2.97 -41.55
CA PHE C 312 28.58 -3.26 -40.82
C PHE C 312 28.37 -4.65 -40.23
N ASP C 313 29.20 -5.60 -40.65
CA ASP C 313 29.18 -6.95 -40.07
C ASP C 313 29.75 -7.41 -38.75
N GLU C 314 30.74 -6.71 -38.19
CA GLU C 314 31.20 -6.96 -36.83
C GLU C 314 30.43 -6.13 -35.80
N VAL C 315 29.53 -5.26 -36.24
CA VAL C 315 28.69 -4.48 -35.35
C VAL C 315 27.37 -5.22 -35.16
N PHE C 316 26.77 -5.65 -36.26
CA PHE C 316 25.51 -6.39 -36.25
C PHE C 316 25.69 -7.87 -36.06
N ASN C 317 26.90 -8.37 -35.92
CA ASN C 317 26.98 -9.84 -35.77
C ASN C 317 28.15 -9.60 -34.84
N ALA C 318 28.29 -10.41 -33.79
CA ALA C 318 29.50 -10.33 -32.93
C ALA C 318 28.99 -11.60 -32.25
N THR C 319 29.75 -12.22 -31.36
CA THR C 319 29.17 -13.38 -30.61
C THR C 319 28.72 -12.89 -29.24
N ARG C 320 29.04 -11.63 -28.92
CA ARG C 320 28.65 -11.06 -27.60
C ARG C 320 28.38 -9.58 -27.85
N PHE C 321 27.57 -8.93 -27.02
CA PHE C 321 27.40 -7.48 -27.19
C PHE C 321 27.66 -6.83 -25.85
N ALA C 322 27.93 -5.54 -25.85
CA ALA C 322 28.23 -4.83 -24.60
C ALA C 322 27.03 -4.89 -23.66
N SER C 323 27.23 -4.98 -22.36
CA SER C 323 26.10 -4.90 -21.44
C SER C 323 25.81 -3.43 -21.28
N VAL C 324 24.68 -3.07 -20.73
CA VAL C 324 24.31 -1.64 -20.75
C VAL C 324 25.30 -0.77 -19.98
N TYR C 325 25.78 -1.20 -18.80
CA TYR C 325 26.64 -0.30 -17.99
C TYR C 325 27.86 0.08 -18.82
N ALA C 326 28.51 -0.88 -19.48
CA ALA C 326 29.62 -0.61 -20.41
C ALA C 326 28.79 -0.57 -21.71
N TRP C 327 28.67 0.57 -22.38
CA TRP C 327 27.81 0.52 -23.58
C TRP C 327 28.95 0.71 -24.56
N ASN C 328 29.11 -0.21 -25.52
CA ASN C 328 30.28 -0.17 -26.45
C ASN C 328 30.10 0.75 -27.64
N ARG C 329 30.52 2.01 -27.56
CA ARG C 329 30.45 2.93 -28.72
C ARG C 329 31.50 2.52 -29.76
N LYS C 330 31.31 2.90 -31.02
CA LYS C 330 32.33 2.64 -32.08
C LYS C 330 32.23 3.71 -33.15
N ARG C 331 33.16 3.74 -34.10
CA ARG C 331 33.14 4.81 -35.13
C ARG C 331 33.31 4.18 -36.51
N ILE C 332 32.44 4.55 -37.44
CA ILE C 332 32.56 4.03 -38.83
C ILE C 332 32.99 5.24 -39.64
N SER C 333 34.13 5.17 -40.32
CA SER C 333 34.64 6.39 -40.98
C SER C 333 35.25 6.16 -42.37
N ASN C 334 35.23 7.19 -43.22
CA ASN C 334 35.93 7.13 -44.54
C ASN C 334 35.47 5.94 -45.38
N CYS C 335 34.18 5.65 -45.44
CA CYS C 335 33.85 4.50 -46.30
C CYS C 335 32.53 4.73 -47.00
N VAL C 336 32.35 4.12 -48.15
CA VAL C 336 31.02 4.23 -48.77
C VAL C 336 30.15 3.45 -47.79
N ALA C 337 29.05 4.04 -47.31
CA ALA C 337 28.17 3.23 -46.45
C ALA C 337 26.80 3.20 -47.11
N ASP C 338 26.36 2.03 -47.52
CA ASP C 338 24.99 1.99 -48.03
C ASP C 338 24.20 1.30 -46.94
N TYR C 339 23.25 2.01 -46.36
CA TYR C 339 22.50 1.43 -45.22
C TYR C 339 21.47 0.52 -45.86
N SER C 340 21.93 -0.41 -46.69
CA SER C 340 21.04 -1.38 -47.35
C SER C 340 21.66 -2.73 -47.07
N VAL C 341 22.87 -2.70 -46.53
CA VAL C 341 23.54 -3.97 -46.16
C VAL C 341 22.68 -4.58 -45.07
N LEU C 342 22.16 -3.74 -44.17
CA LEU C 342 21.24 -4.22 -43.11
C LEU C 342 19.85 -4.27 -43.76
N TYR C 343 18.79 -4.46 -42.98
CA TYR C 343 17.42 -4.66 -43.53
C TYR C 343 17.50 -6.06 -44.12
N ASN C 344 18.57 -6.77 -43.77
CA ASN C 344 18.77 -8.14 -44.30
C ASN C 344 18.44 -9.18 -43.23
N PHE C 345 18.87 -8.98 -41.99
CA PHE C 345 18.66 -10.09 -41.01
C PHE C 345 17.90 -9.66 -39.75
N ALA C 346 17.73 -8.36 -39.53
CA ALA C 346 17.08 -7.97 -38.26
C ALA C 346 15.59 -7.79 -38.49
N PRO C 347 14.67 -8.59 -37.87
CA PRO C 347 13.24 -8.35 -37.98
C PRO C 347 13.23 -7.33 -36.85
N PHE C 348 13.72 -6.15 -37.14
CA PHE C 348 13.93 -5.22 -36.03
C PHE C 348 12.62 -5.03 -35.31
N PHE C 349 12.65 -5.38 -34.04
CA PHE C 349 11.48 -4.98 -33.27
C PHE C 349 11.88 -3.50 -33.20
N ALA C 350 11.03 -2.60 -33.66
CA ALA C 350 11.30 -1.15 -33.63
C ALA C 350 12.51 -0.61 -34.43
N PHE C 351 12.53 -0.65 -35.75
CA PHE C 351 13.63 0.03 -36.49
C PHE C 351 13.50 1.50 -36.12
N LYS C 352 12.29 2.00 -36.08
CA LYS C 352 12.04 3.35 -35.50
C LYS C 352 13.01 4.42 -35.91
N CYS C 353 13.30 4.58 -37.18
CA CYS C 353 14.25 5.70 -37.45
C CYS C 353 13.62 7.06 -37.24
N TYR C 354 14.41 8.03 -36.75
CA TYR C 354 13.88 9.37 -36.44
C TYR C 354 14.52 10.40 -37.36
N GLY C 355 13.69 11.00 -38.20
CA GLY C 355 14.18 12.09 -39.05
C GLY C 355 14.99 11.90 -40.31
N VAL C 356 15.49 10.70 -40.52
CA VAL C 356 16.44 10.53 -41.65
C VAL C 356 15.52 9.75 -42.58
N SER C 357 14.83 8.73 -42.09
CA SER C 357 13.94 7.88 -42.94
C SER C 357 14.83 6.93 -43.74
N PRO C 358 14.33 5.80 -44.26
CA PRO C 358 15.24 4.85 -44.92
C PRO C 358 15.91 5.22 -46.25
N THR C 359 15.15 5.71 -47.22
CA THR C 359 15.71 5.93 -48.57
C THR C 359 16.71 7.08 -48.62
N LYS C 360 16.43 8.18 -47.94
CA LYS C 360 17.26 9.40 -48.08
C LYS C 360 18.71 9.16 -47.68
N LEU C 361 18.94 8.34 -46.67
CA LEU C 361 20.33 8.21 -46.19
C LEU C 361 21.25 7.43 -47.12
N ASN C 362 20.67 6.64 -48.01
CA ASN C 362 21.44 6.04 -49.13
C ASN C 362 22.06 7.25 -49.81
N ASP C 363 21.29 8.33 -49.96
CA ASP C 363 21.80 9.56 -50.59
C ASP C 363 22.76 10.46 -49.82
N LEU C 364 22.53 10.76 -48.55
CA LEU C 364 23.34 11.80 -47.84
C LEU C 364 24.80 11.40 -47.53
N CYS C 365 25.63 12.37 -47.12
CA CYS C 365 27.05 12.10 -46.73
C CYS C 365 27.41 12.85 -45.44
N PHE C 366 28.03 12.17 -44.46
CA PHE C 366 28.34 12.79 -43.13
C PHE C 366 29.74 12.42 -42.68
N THR C 367 30.29 13.13 -41.69
CA THR C 367 31.69 12.91 -41.21
C THR C 367 31.90 11.53 -40.56
N ASN C 368 31.01 11.12 -39.66
CA ASN C 368 31.13 9.76 -39.06
C ASN C 368 29.75 9.23 -38.66
N VAL C 369 29.64 7.92 -38.50
CA VAL C 369 28.38 7.34 -37.99
C VAL C 369 28.77 6.61 -36.70
N TYR C 370 28.11 6.91 -35.59
CA TYR C 370 28.47 6.29 -34.31
C TYR C 370 27.46 5.19 -33.99
N ALA C 371 27.91 3.94 -33.92
CA ALA C 371 27.03 2.79 -33.61
C ALA C 371 27.31 2.27 -32.21
N ASP C 372 26.35 2.34 -31.28
CA ASP C 372 26.49 1.87 -29.89
C ASP C 372 25.71 0.57 -29.74
N SER C 373 26.18 -0.38 -28.97
CA SER C 373 25.49 -1.68 -28.84
C SER C 373 25.30 -2.04 -27.37
N PHE C 374 24.17 -2.62 -26.96
CA PHE C 374 23.85 -2.91 -25.56
C PHE C 374 23.03 -4.17 -25.56
N VAL C 375 22.61 -4.70 -24.43
CA VAL C 375 21.64 -5.80 -24.38
C VAL C 375 20.67 -5.43 -23.26
N ILE C 376 19.41 -5.12 -23.56
CA ILE C 376 18.39 -4.69 -22.58
C ILE C 376 17.23 -5.63 -22.81
N ARG C 377 16.45 -5.93 -21.77
CA ARG C 377 15.40 -6.95 -21.90
C ARG C 377 14.24 -6.34 -22.63
N GLY C 378 13.30 -7.15 -23.06
CA GLY C 378 12.28 -6.63 -23.96
C GLY C 378 11.46 -5.49 -23.45
N ASN C 379 11.03 -5.52 -22.19
CA ASN C 379 10.11 -4.46 -21.72
C ASN C 379 10.81 -3.11 -21.77
N GLU C 380 12.13 -3.07 -21.71
CA GLU C 380 12.85 -1.79 -21.63
C GLU C 380 13.24 -1.26 -23.00
N VAL C 381 12.96 -1.97 -24.10
CA VAL C 381 13.43 -1.52 -25.44
C VAL C 381 12.73 -0.21 -25.77
N SER C 382 11.57 0.06 -25.19
CA SER C 382 10.85 1.34 -25.39
C SER C 382 11.66 2.49 -24.85
N GLN C 383 12.35 2.27 -23.75
CA GLN C 383 13.08 3.37 -23.08
C GLN C 383 14.28 3.88 -23.87
N ILE C 384 14.86 3.09 -24.78
CA ILE C 384 16.11 3.52 -25.46
C ILE C 384 15.49 4.20 -26.67
N ALA C 385 15.14 5.46 -26.51
CA ALA C 385 14.48 6.21 -27.60
C ALA C 385 14.72 7.63 -27.19
N PRO C 386 14.31 8.66 -27.93
CA PRO C 386 14.39 10.01 -27.43
C PRO C 386 13.30 10.31 -26.41
N GLY C 387 13.63 11.05 -25.36
CA GLY C 387 12.66 11.48 -24.34
C GLY C 387 11.96 10.40 -23.55
N GLN C 388 12.68 9.39 -23.06
CA GLN C 388 12.03 8.40 -22.18
C GLN C 388 12.78 8.37 -20.84
N THR C 389 12.08 8.09 -19.74
CA THR C 389 12.71 8.09 -18.40
C THR C 389 12.44 6.76 -17.70
N GLY C 390 13.41 6.25 -16.96
CA GLY C 390 13.26 4.93 -16.32
C GLY C 390 14.61 4.47 -15.81
N ASN C 391 14.74 3.25 -15.34
CA ASN C 391 16.08 2.86 -14.89
C ASN C 391 17.01 2.88 -16.08
N ILE C 392 16.61 2.30 -17.20
CA ILE C 392 17.59 2.18 -18.31
C ILE C 392 17.98 3.53 -18.89
N ALA C 393 17.04 4.39 -19.13
CA ALA C 393 17.49 5.60 -19.81
C ALA C 393 17.97 6.64 -18.82
N ASP C 394 17.94 6.36 -17.53
CA ASP C 394 18.36 7.45 -16.61
C ASP C 394 19.64 7.10 -15.84
N TYR C 395 19.84 5.82 -15.53
CA TYR C 395 21.07 5.41 -14.85
C TYR C 395 21.98 4.71 -15.84
N ASN C 396 21.44 3.98 -16.83
CA ASN C 396 22.34 3.38 -17.86
C ASN C 396 22.78 3.81 -19.27
N TYR C 397 21.90 4.32 -20.13
CA TYR C 397 22.27 4.99 -21.40
C TYR C 397 21.27 6.07 -21.79
N LYS C 398 21.70 7.30 -22.10
CA LYS C 398 20.68 8.34 -22.36
C LYS C 398 20.79 8.87 -23.78
N LEU C 399 19.78 8.63 -24.60
CA LEU C 399 19.77 9.22 -25.96
C LEU C 399 19.50 10.71 -25.80
N PRO C 400 20.12 11.58 -26.62
CA PRO C 400 19.93 13.02 -26.52
C PRO C 400 18.52 13.41 -26.93
N ASP C 401 18.09 14.57 -26.50
CA ASP C 401 16.70 15.02 -26.80
C ASP C 401 16.47 15.10 -28.30
N ASP C 402 17.48 15.52 -29.07
CA ASP C 402 17.34 15.65 -30.54
C ASP C 402 18.16 14.53 -31.19
N PHE C 403 17.59 13.84 -32.18
CA PHE C 403 18.36 12.70 -32.72
C PHE C 403 18.03 12.45 -34.18
N THR C 404 18.99 11.91 -34.92
CA THR C 404 18.74 11.47 -36.31
C THR C 404 19.41 10.11 -36.15
N GLY C 405 18.64 9.08 -35.85
CA GLY C 405 19.28 7.75 -35.77
C GLY C 405 18.27 6.63 -35.70
N CYS C 406 18.73 5.40 -35.88
CA CYS C 406 17.74 4.31 -35.96
C CYS C 406 17.97 3.24 -34.89
N VAL C 407 17.23 3.25 -33.81
CA VAL C 407 17.38 2.13 -32.85
C VAL C 407 16.98 0.85 -33.56
N ILE C 408 17.71 -0.23 -33.39
CA ILE C 408 17.37 -1.54 -34.01
C ILE C 408 17.49 -2.62 -32.94
N ALA C 409 16.52 -3.50 -32.77
CA ALA C 409 16.57 -4.49 -31.68
C ALA C 409 16.15 -5.82 -32.23
N TRP C 410 16.86 -6.91 -31.96
CA TRP C 410 16.37 -8.21 -32.43
C TRP C 410 16.30 -9.17 -31.25
N ASN C 411 15.40 -10.14 -31.24
CA ASN C 411 15.26 -10.94 -30.00
C ASN C 411 16.38 -11.94 -29.95
N SER C 412 17.48 -11.60 -29.31
CA SER C 412 18.65 -12.48 -29.35
C SER C 412 18.41 -13.58 -28.33
N ASN C 413 17.30 -14.28 -28.49
CA ASN C 413 16.98 -15.27 -27.45
C ASN C 413 18.01 -16.36 -27.46
N LYS C 414 18.33 -16.90 -28.64
CA LYS C 414 19.19 -18.10 -28.68
C LYS C 414 20.61 -17.86 -28.15
N LEU C 415 21.27 -16.82 -28.60
CA LEU C 415 22.70 -16.62 -28.24
C LEU C 415 22.95 -16.24 -26.78
N ASP C 416 22.16 -15.34 -26.19
CA ASP C 416 22.48 -14.79 -24.85
C ASP C 416 21.70 -15.45 -23.70
N SER C 417 20.93 -16.50 -23.98
CA SER C 417 20.10 -17.09 -22.90
C SER C 417 20.82 -18.28 -22.28
N LYS C 418 21.04 -18.27 -20.97
CA LYS C 418 21.64 -19.45 -20.30
C LYS C 418 20.56 -20.07 -19.42
N VAL C 419 20.39 -21.39 -19.43
CA VAL C 419 19.24 -21.96 -18.66
C VAL C 419 19.51 -21.57 -17.21
N GLY C 420 20.77 -21.66 -16.80
CA GLY C 420 21.12 -21.20 -15.46
C GLY C 420 20.84 -19.71 -15.38
N GLY C 421 21.08 -19.01 -16.48
CA GLY C 421 20.91 -17.55 -16.48
C GLY C 421 22.24 -17.13 -17.03
N ASN C 422 22.34 -15.89 -17.50
CA ASN C 422 23.63 -15.52 -18.13
C ASN C 422 23.79 -14.39 -17.14
N TYR C 423 24.78 -14.52 -16.27
CA TYR C 423 24.91 -13.50 -15.22
C TYR C 423 25.88 -12.45 -15.70
N ASN C 424 26.31 -12.59 -16.95
CA ASN C 424 27.32 -11.63 -17.47
C ASN C 424 26.64 -10.42 -18.10
N TYR C 425 25.31 -10.33 -18.10
CA TYR C 425 24.69 -9.10 -18.64
C TYR C 425 24.11 -8.36 -17.44
N ARG C 426 24.41 -7.08 -17.23
CA ARG C 426 24.00 -6.40 -15.98
C ARG C 426 23.60 -4.95 -16.19
N TYR C 427 22.87 -4.35 -15.25
CA TYR C 427 22.39 -2.96 -15.39
C TYR C 427 22.58 -2.24 -14.07
N ARG C 428 22.56 -0.92 -14.07
CA ARG C 428 22.85 -0.19 -12.82
C ARG C 428 21.53 0.15 -12.13
N LEU C 429 21.25 -0.45 -10.99
CA LEU C 429 19.97 -0.19 -10.30
C LEU C 429 19.90 1.22 -9.74
N PHE C 430 20.98 1.72 -9.12
CA PHE C 430 20.90 3.03 -8.44
C PHE C 430 22.07 3.95 -8.75
N ARG C 431 21.80 5.22 -9.07
CA ARG C 431 22.87 6.23 -9.25
C ARG C 431 22.30 7.54 -8.72
N LYS C 432 23.13 8.41 -8.16
CA LYS C 432 22.60 9.64 -7.54
C LYS C 432 21.92 10.55 -8.56
N SER C 433 22.46 10.62 -9.78
CA SER C 433 21.86 11.57 -10.76
C SER C 433 21.65 10.92 -12.12
N ASN C 434 20.71 11.47 -12.88
CA ASN C 434 20.38 10.93 -14.24
C ASN C 434 21.59 11.14 -15.15
N LEU C 435 21.87 10.20 -16.05
CA LEU C 435 23.08 10.31 -16.89
C LEU C 435 22.93 11.47 -17.87
N LYS C 436 24.00 12.23 -18.11
CA LYS C 436 23.97 13.32 -19.14
C LYS C 436 23.96 12.65 -20.52
N PRO C 437 23.41 13.27 -21.59
CA PRO C 437 23.28 12.56 -22.85
C PRO C 437 24.58 11.94 -23.36
N PHE C 438 24.51 10.68 -23.75
CA PHE C 438 25.67 9.95 -24.33
C PHE C 438 26.79 9.81 -23.30
N GLU C 439 26.50 9.95 -22.01
CA GLU C 439 27.57 9.73 -21.01
C GLU C 439 27.87 8.24 -20.92
N ARG C 440 29.09 7.84 -20.58
CA ARG C 440 29.40 6.40 -20.35
C ARG C 440 29.87 6.28 -18.91
N ASP C 441 29.29 5.40 -18.08
CA ASP C 441 29.78 5.37 -16.67
C ASP C 441 30.05 3.93 -16.22
N ILE C 442 31.28 3.63 -15.80
CA ILE C 442 31.63 2.24 -15.38
C ILE C 442 32.30 2.28 -14.00
N SER C 443 31.71 1.62 -13.00
CA SER C 443 32.29 1.61 -11.64
C SER C 443 31.67 0.52 -10.77
N THR C 444 32.30 0.21 -9.63
CA THR C 444 31.71 -0.74 -8.65
C THR C 444 32.01 0.34 -7.58
N GLU C 445 30.96 0.90 -6.97
CA GLU C 445 31.02 1.67 -5.69
C GLU C 445 29.74 1.43 -4.88
N ILE C 446 29.85 1.17 -3.58
CA ILE C 446 28.66 0.82 -2.77
C ILE C 446 27.67 1.99 -2.72
N TYR C 447 26.37 1.68 -2.71
CA TYR C 447 25.36 2.75 -2.59
C TYR C 447 24.71 2.56 -1.22
N GLN C 448 24.69 3.61 -0.40
CA GLN C 448 24.18 3.50 0.99
C GLN C 448 22.84 4.20 1.13
N ALA C 449 22.18 3.98 2.26
CA ALA C 449 20.94 4.73 2.56
C ALA C 449 21.24 5.51 3.83
N GLY C 450 22.04 4.89 4.69
CA GLY C 450 22.43 5.53 5.96
C GLY C 450 23.64 6.41 5.79
N ASN C 451 24.05 7.10 6.86
CA ASN C 451 25.24 7.99 6.82
C ASN C 451 26.53 7.17 6.92
N LYS C 452 26.43 5.93 7.40
CA LYS C 452 27.67 5.16 7.63
C LYS C 452 28.42 4.98 6.31
N PRO C 453 29.76 5.11 6.29
CA PRO C 453 30.51 4.82 5.07
C PRO C 453 30.25 3.36 4.75
N CYS C 454 30.23 2.49 5.77
CA CYS C 454 29.90 1.05 5.59
C CYS C 454 31.10 0.23 5.15
N ASN C 455 32.20 0.87 4.78
CA ASN C 455 33.44 0.12 4.43
C ASN C 455 33.19 -0.97 3.38
N GLY C 456 32.36 -0.70 2.36
CA GLY C 456 32.19 -1.64 1.23
C GLY C 456 31.86 -3.07 1.60
N VAL C 457 30.82 -3.29 2.41
CA VAL C 457 30.39 -4.67 2.73
C VAL C 457 28.93 -4.80 2.31
N ALA C 458 28.43 -6.03 2.12
CA ALA C 458 26.99 -6.20 1.80
C ALA C 458 26.22 -6.19 3.11
N GLY C 459 25.57 -5.06 3.42
CA GLY C 459 24.93 -4.93 4.74
C GLY C 459 23.81 -3.90 4.74
N VAL C 460 23.18 -3.69 5.90
CA VAL C 460 22.02 -2.77 5.91
C VAL C 460 22.49 -1.45 5.33
N ASN C 461 21.73 -0.90 4.39
CA ASN C 461 22.09 0.39 3.75
C ASN C 461 23.41 0.24 2.99
N CYS C 462 23.75 -0.98 2.57
CA CYS C 462 24.96 -1.17 1.72
C CYS C 462 24.62 -2.17 0.60
N TYR C 463 24.80 -1.80 -0.68
CA TYR C 463 24.35 -2.68 -1.79
C TYR C 463 25.34 -2.64 -2.95
N PHE C 464 25.36 -3.69 -3.77
CA PHE C 464 26.22 -3.67 -4.98
C PHE C 464 25.36 -3.10 -6.10
N PRO C 465 25.69 -1.93 -6.68
CA PRO C 465 24.79 -1.27 -7.64
C PRO C 465 24.47 -2.04 -8.93
N LEU C 466 25.43 -2.71 -9.54
CA LEU C 466 25.05 -3.46 -10.74
C LEU C 466 24.21 -4.64 -10.30
N GLN C 467 23.26 -5.07 -11.12
CA GLN C 467 22.45 -6.27 -10.81
C GLN C 467 22.27 -7.01 -12.12
N SER C 468 22.19 -8.33 -12.10
CA SER C 468 22.12 -9.11 -13.36
C SER C 468 20.72 -9.15 -13.94
N TYR C 469 20.59 -9.52 -15.20
CA TYR C 469 19.27 -9.59 -15.87
C TYR C 469 18.72 -10.98 -15.69
N GLY C 470 19.55 -11.90 -15.23
CA GLY C 470 19.06 -13.25 -14.98
C GLY C 470 18.39 -13.85 -16.20
N PHE C 471 18.89 -13.60 -17.39
CA PHE C 471 18.19 -14.07 -18.60
C PHE C 471 18.16 -15.58 -18.55
N ARG C 472 17.02 -16.20 -18.82
CA ARG C 472 16.86 -17.68 -18.79
C ARG C 472 15.83 -18.02 -19.83
N PRO C 473 15.96 -19.14 -20.57
CA PRO C 473 15.06 -19.40 -21.68
C PRO C 473 13.57 -19.52 -21.35
N THR C 474 13.25 -20.14 -20.22
CA THR C 474 11.81 -20.39 -19.92
C THR C 474 11.53 -19.05 -19.23
N TYR C 475 11.13 -18.00 -19.96
CA TYR C 475 10.95 -16.67 -19.40
C TYR C 475 10.03 -16.33 -20.57
N GLY C 476 9.28 -15.24 -20.41
CA GLY C 476 8.40 -14.73 -21.44
C GLY C 476 9.11 -13.74 -22.35
N VAL C 477 8.32 -13.16 -23.25
CA VAL C 477 8.87 -12.21 -24.24
C VAL C 477 9.44 -10.99 -23.53
N GLY C 478 8.83 -10.60 -22.42
CA GLY C 478 9.26 -9.42 -21.69
C GLY C 478 10.65 -9.51 -21.13
N HIS C 479 11.11 -10.71 -20.81
CA HIS C 479 12.39 -10.87 -20.12
C HIS C 479 12.99 -11.81 -21.16
N GLN C 480 13.74 -11.26 -22.12
CA GLN C 480 14.43 -12.05 -23.12
C GLN C 480 15.43 -11.02 -23.66
N PRO C 481 16.63 -11.46 -24.01
CA PRO C 481 17.65 -10.51 -24.49
C PRO C 481 17.22 -9.83 -25.79
N TYR C 482 17.41 -8.51 -25.83
CA TYR C 482 17.11 -7.73 -27.03
C TYR C 482 18.29 -6.82 -27.30
N ARG C 483 19.17 -7.24 -28.21
CA ARG C 483 20.34 -6.45 -28.57
C ARG C 483 19.91 -5.16 -29.27
N VAL C 484 20.54 -4.06 -28.92
CA VAL C 484 20.16 -2.75 -29.41
C VAL C 484 21.36 -2.10 -30.08
N VAL C 485 21.13 -1.50 -31.25
CA VAL C 485 22.18 -0.81 -31.99
C VAL C 485 21.70 0.60 -32.33
N VAL C 486 22.23 1.59 -31.63
CA VAL C 486 21.78 2.97 -31.81
C VAL C 486 22.70 3.70 -32.79
N LEU C 487 22.35 3.66 -34.07
CA LEU C 487 23.15 4.38 -35.05
C LEU C 487 22.84 5.88 -34.99
N SER C 488 23.90 6.68 -34.98
CA SER C 488 23.78 8.14 -34.98
C SER C 488 24.54 8.70 -36.18
N PHE C 489 24.21 9.94 -36.53
CA PHE C 489 24.80 10.60 -37.69
C PHE C 489 25.40 11.92 -37.24
N GLU C 490 26.73 12.00 -37.28
CA GLU C 490 27.46 13.18 -36.83
C GLU C 490 27.94 13.97 -38.03
N LEU C 491 27.59 15.26 -38.07
CA LEU C 491 27.99 16.16 -39.14
C LEU C 491 28.68 17.36 -38.53
N LEU C 492 29.92 17.61 -38.95
CA LEU C 492 30.69 18.73 -38.42
C LEU C 492 31.14 19.62 -39.58
N HIS C 493 31.84 20.72 -39.28
CA HIS C 493 32.32 21.62 -40.32
C HIS C 493 33.47 21.06 -41.12
N ALA C 494 34.10 19.98 -40.66
CA ALA C 494 35.13 19.32 -41.44
C ALA C 494 34.50 18.65 -42.65
N PRO C 495 35.27 18.45 -43.74
CA PRO C 495 34.71 17.79 -44.93
C PRO C 495 34.19 16.40 -44.64
N ALA C 496 33.04 16.07 -45.22
CA ALA C 496 32.43 14.76 -44.98
C ALA C 496 33.23 13.66 -45.66
N THR C 497 33.39 12.54 -44.95
CA THR C 497 34.14 11.40 -45.48
C THR C 497 33.33 10.13 -45.60
N VAL C 498 32.16 10.03 -44.96
CA VAL C 498 31.34 8.83 -45.01
C VAL C 498 30.14 9.15 -45.90
N CYS C 499 30.27 8.85 -47.19
CA CYS C 499 29.22 9.09 -48.18
C CYS C 499 28.51 7.77 -48.48
N GLY C 500 27.57 7.83 -49.41
CA GLY C 500 26.82 6.65 -49.81
C GLY C 500 26.98 6.28 -51.26
#